data_8TBP
#
_entry.id   8TBP
#
_cell.length_a   95.080
_cell.length_b   95.080
_cell.length_c   294.200
_cell.angle_alpha   90.000
_cell.angle_beta   90.000
_cell.angle_gamma   90.000
#
_symmetry.space_group_name_H-M   'P 43 21 2'
#
loop_
_entity.id
_entity.type
_entity.pdbx_description
1 polymer 'HLA class II histocompatibility antigen, DR alpha chain'
2 polymer 'HLA class II histocompatibility antigen, DRB1 beta chain'
3 polymer 'Small nuclear ribonucleoprotein-associated protein N peptide'
4 non-polymer 2-acetamido-2-deoxy-beta-D-glucopyranose
5 water water
#
loop_
_entity_poly.entity_id
_entity_poly.type
_entity_poly.pdbx_seq_one_letter_code
_entity_poly.pdbx_strand_id
1 'polypeptide(L)'
;IKEEHVIIQAEFYLNPDQSGEFMFDFDGDEIFHVDMAKKETVWRLEEFGRFASFEAQGALANIAVDKANLEIMTKRSNYT
PITNVPPEVTVLTNSPVELREPNVLICFIDKFTPPVVNVTWLRNGKPVTTGVSETVFLPREDHLFRKFHYLPFLPSTEDV
YDCRVEHWGLDEPLLKHWEFDT
;
A,C
2 'polypeptide(L)'
;GDTRPRFLWQPKRECHFFNGTERVRFLDRYFYNQEESVRFDSDVGEFRAVTELGRPDAEYWNSQKDILEQARAAVDTYCR
HNYGVGESFTVQRRVQPKVTVYPSKTQPLQHHNLLVCSVSGFYPGSIEVRWFLNGQEEKAGMVSTGLIQNGDWTFQTLVM
LETVPRSGEVYTCQVEHPSVTSPLTVEWRA
;
B,D
3 'polypeptide(L)' RVLGLVLLRGENLVS E,F
#
loop_
_chem_comp.id
_chem_comp.type
_chem_comp.name
_chem_comp.formula
NAG D-saccharide, beta linking 2-acetamido-2-deoxy-beta-D-glucopyranose 'C8 H15 N O6'
#
# COMPACT_ATOMS: atom_id res chain seq x y z
N GLU A 4 3.84 -19.10 16.23
CA GLU A 4 4.68 -17.91 16.17
C GLU A 4 4.00 -16.69 16.78
N HIS A 5 4.82 -15.75 17.25
CA HIS A 5 4.37 -14.51 17.86
C HIS A 5 5.52 -13.52 17.80
N VAL A 6 5.19 -12.24 17.87
CA VAL A 6 6.20 -11.18 17.78
C VAL A 6 5.87 -10.11 18.81
N ILE A 7 6.88 -9.68 19.56
CA ILE A 7 6.79 -8.51 20.43
C ILE A 7 7.85 -7.52 19.95
N ILE A 8 7.42 -6.29 19.70
CA ILE A 8 8.29 -5.24 19.18
C ILE A 8 8.26 -4.05 20.12
N GLN A 9 9.43 -3.65 20.59
CA GLN A 9 9.59 -2.33 21.21
C GLN A 9 9.93 -1.36 20.10
N ALA A 10 9.00 -0.45 19.80
CA ALA A 10 9.12 0.46 18.67
C ALA A 10 9.19 1.89 19.20
N GLU A 11 10.29 2.57 18.90
CA GLU A 11 10.48 3.97 19.22
C GLU A 11 10.65 4.73 17.90
N PHE A 12 10.57 6.06 17.98
CA PHE A 12 11.00 6.88 16.86
C PHE A 12 11.12 8.32 17.32
N TYR A 13 11.91 9.09 16.59
CA TYR A 13 12.08 10.51 16.84
C TYR A 13 12.13 11.24 15.51
N LEU A 14 11.44 12.37 15.43
CA LEU A 14 11.24 13.09 14.16
C LEU A 14 11.67 14.54 14.33
N ASN A 15 12.61 14.97 13.50
CA ASN A 15 13.03 16.37 13.43
C ASN A 15 12.50 17.00 12.14
N PRO A 16 12.19 18.31 12.15
CA PRO A 16 12.40 19.35 13.17
C PRO A 16 11.29 19.41 14.20
N ASP A 17 10.38 18.44 14.16
CA ASP A 17 9.18 18.51 14.98
C ASP A 17 9.45 18.23 16.45
N GLN A 18 10.59 17.61 16.76
CA GLN A 18 10.91 17.24 18.15
C GLN A 18 9.72 16.54 18.81
N SER A 19 9.44 15.34 18.28
CA SER A 19 8.38 14.50 18.79
C SER A 19 8.73 13.05 18.52
N GLY A 20 8.85 12.27 19.59
CA GLY A 20 9.12 10.86 19.47
C GLY A 20 8.03 10.04 20.15
N GLU A 21 8.12 8.73 19.99
CA GLU A 21 7.11 7.81 20.50
C GLU A 21 7.79 6.55 21.02
N PHE A 22 7.27 6.03 22.12
CA PHE A 22 7.76 4.79 22.70
C PHE A 22 6.58 3.87 22.94
N MET A 23 6.66 2.64 22.44
CA MET A 23 5.52 1.75 22.54
C MET A 23 5.95 0.30 22.37
N PHE A 24 5.08 -0.60 22.81
CA PHE A 24 5.24 -2.04 22.65
C PHE A 24 4.09 -2.59 21.83
N ASP A 25 4.39 -3.57 20.99
CA ASP A 25 3.51 -4.04 19.94
C ASP A 25 3.51 -5.56 19.94
N PHE A 26 2.34 -6.17 20.04
CA PHE A 26 2.22 -7.64 20.06
C PHE A 26 1.31 -8.07 18.91
N ASP A 27 1.87 -8.88 18.01
CA ASP A 27 1.16 -9.35 16.82
C ASP A 27 0.37 -8.24 16.15
N GLY A 28 0.93 -7.04 16.14
CA GLY A 28 0.31 -5.93 15.45
C GLY A 28 -0.71 -5.14 16.23
N ASP A 29 -0.75 -5.29 17.55
CA ASP A 29 -1.61 -4.48 18.39
C ASP A 29 -0.77 -3.78 19.45
N GLU A 30 -1.21 -2.58 19.83
CA GLU A 30 -0.49 -1.79 20.82
C GLU A 30 -0.72 -2.39 22.20
N ILE A 31 0.37 -2.80 22.87
CA ILE A 31 0.25 -3.17 24.28
C ILE A 31 0.14 -1.93 25.14
N PHE A 32 1.04 -0.97 24.94
CA PHE A 32 0.97 0.32 25.58
C PHE A 32 1.86 1.28 24.81
N HIS A 33 1.74 2.56 25.15
CA HIS A 33 2.72 3.56 24.78
C HIS A 33 3.02 4.40 26.01
N VAL A 34 4.04 5.25 25.92
CA VAL A 34 4.41 6.14 27.00
C VAL A 34 4.01 7.55 26.60
N ASP A 35 3.14 8.17 27.40
CA ASP A 35 2.74 9.55 27.15
C ASP A 35 3.90 10.46 27.50
N MET A 36 4.53 11.04 26.47
CA MET A 36 5.63 11.97 26.70
C MET A 36 5.20 13.12 27.60
N ALA A 37 4.20 13.87 27.17
CA ALA A 37 3.70 15.03 27.92
C ALA A 37 3.57 14.73 29.40
N LYS A 38 2.83 13.68 29.76
CA LYS A 38 2.56 13.35 31.15
C LYS A 38 3.56 12.37 31.74
N LYS A 39 4.53 11.91 30.96
CA LYS A 39 5.56 10.99 31.42
C LYS A 39 4.96 9.85 32.26
N GLU A 40 4.05 9.12 31.62
CA GLU A 40 3.36 8.02 32.29
C GLU A 40 3.01 6.95 31.26
N THR A 41 2.80 5.73 31.76
CA THR A 41 2.47 4.60 30.90
C THR A 41 0.98 4.58 30.59
N VAL A 42 0.64 4.17 29.37
CA VAL A 42 -0.72 4.21 28.85
C VAL A 42 -1.01 2.87 28.18
N TRP A 43 -1.83 2.05 28.81
CA TRP A 43 -2.17 0.75 28.25
C TRP A 43 -3.23 0.89 27.17
N ARG A 44 -3.13 0.03 26.15
CA ARG A 44 -4.13 0.05 25.10
C ARG A 44 -5.51 -0.39 25.62
N LEU A 45 -5.53 -1.33 26.58
CA LEU A 45 -6.74 -1.78 27.25
C LEU A 45 -6.50 -1.73 28.74
N GLU A 46 -7.38 -1.08 29.49
CA GLU A 46 -7.10 -0.80 30.89
C GLU A 46 -6.76 -2.06 31.68
N GLU A 47 -7.39 -3.19 31.38
CA GLU A 47 -7.07 -4.36 32.19
C GLU A 47 -5.65 -4.86 31.97
N PHE A 48 -4.95 -4.37 30.94
CA PHE A 48 -3.54 -4.68 30.80
C PHE A 48 -2.75 -4.18 32.00
N GLY A 49 -3.16 -3.05 32.58
CA GLY A 49 -2.51 -2.55 33.77
C GLY A 49 -2.58 -3.50 34.95
N ARG A 50 -3.57 -4.40 34.96
CA ARG A 50 -3.75 -5.28 36.11
C ARG A 50 -2.78 -6.47 36.10
N PHE A 51 -2.31 -6.89 34.93
CA PHE A 51 -1.34 -7.98 34.86
C PHE A 51 0.11 -7.51 34.80
N ALA A 52 0.38 -6.26 34.44
CA ALA A 52 1.74 -5.85 34.10
C ALA A 52 1.95 -4.37 34.44
N SER A 53 3.21 -3.94 34.31
CA SER A 53 3.62 -2.58 34.66
C SER A 53 4.85 -2.20 33.85
N PHE A 54 5.07 -0.89 33.72
CA PHE A 54 6.25 -0.38 33.03
C PHE A 54 6.64 0.98 33.59
N GLU A 55 7.94 1.15 33.86
CA GLU A 55 8.46 2.40 34.42
C GLU A 55 8.70 3.40 33.29
N ALA A 56 8.02 4.54 33.36
CA ALA A 56 8.00 5.47 32.24
C ALA A 56 9.35 6.14 32.02
N GLN A 57 10.05 6.51 33.08
CA GLN A 57 11.32 7.23 32.94
C GLN A 57 12.22 6.56 31.91
N GLY A 58 12.44 5.26 32.07
CA GLY A 58 13.36 4.56 31.17
C GLY A 58 13.07 4.78 29.71
N ALA A 59 11.82 5.06 29.36
CA ALA A 59 11.48 5.36 27.98
C ALA A 59 11.95 6.76 27.60
N LEU A 60 11.68 7.74 28.47
CA LEU A 60 12.12 9.10 28.18
C LEU A 60 13.63 9.18 28.03
N ALA A 61 14.35 8.23 28.65
CA ALA A 61 15.78 8.11 28.37
C ALA A 61 16.00 7.61 26.95
N ASN A 62 15.33 6.54 26.56
CA ASN A 62 15.53 5.99 25.22
C ASN A 62 15.23 7.02 24.15
N ILE A 63 14.20 7.85 24.35
CA ILE A 63 13.89 8.88 23.36
C ILE A 63 15.03 9.88 23.25
N ALA A 64 15.54 10.34 24.39
CA ALA A 64 16.66 11.28 24.37
C ALA A 64 17.85 10.71 23.62
N VAL A 65 18.13 9.41 23.79
CA VAL A 65 19.18 8.76 23.02
C VAL A 65 18.80 8.67 21.55
N ASP A 66 17.51 8.49 21.25
CA ASP A 66 17.08 8.42 19.86
C ASP A 66 17.18 9.80 19.20
N LYS A 67 16.83 10.86 19.93
CA LYS A 67 17.10 12.21 19.45
C LYS A 67 18.58 12.36 19.12
N ALA A 68 19.45 11.90 20.01
CA ALA A 68 20.89 11.97 19.77
C ALA A 68 21.27 11.29 18.47
N ASN A 69 20.92 10.01 18.33
CA ASN A 69 21.32 9.27 17.14
C ASN A 69 20.66 9.78 15.87
N LEU A 70 19.48 10.41 15.97
CA LEU A 70 18.89 11.03 14.79
C LEU A 70 19.79 12.13 14.26
N GLU A 71 20.18 13.06 15.13
CA GLU A 71 21.02 14.18 14.71
C GLU A 71 22.37 13.69 14.17
N ILE A 72 22.94 12.65 14.79
CA ILE A 72 24.11 11.99 14.25
C ILE A 72 23.83 11.52 12.82
N MET A 73 22.88 10.59 12.68
CA MET A 73 22.63 9.98 11.39
C MET A 73 22.14 10.99 10.35
N THR A 74 21.59 12.13 10.78
CA THR A 74 21.19 13.15 9.82
C THR A 74 22.42 13.85 9.25
N LYS A 75 23.33 14.30 10.10
CA LYS A 75 24.60 14.82 9.63
C LYS A 75 25.29 13.80 8.74
N ARG A 76 25.51 12.59 9.26
CA ARG A 76 26.18 11.54 8.52
C ARG A 76 25.59 11.32 7.13
N SER A 77 24.35 11.76 6.89
CA SER A 77 23.68 11.49 5.62
C SER A 77 23.64 12.71 4.71
N ASN A 78 24.46 13.72 4.99
CA ASN A 78 24.42 14.99 4.27
C ASN A 78 22.99 15.55 4.24
N TYR A 79 22.27 15.32 5.34
CA TYR A 79 20.97 15.95 5.57
C TYR A 79 19.93 15.51 4.54
N THR A 80 19.94 14.22 4.21
CA THR A 80 18.91 13.65 3.37
C THR A 80 17.58 13.66 4.12
N PRO A 81 16.53 14.29 3.57
CA PRO A 81 15.23 14.26 4.23
C PRO A 81 14.45 13.01 3.86
N ILE A 82 13.25 12.86 4.41
CA ILE A 82 12.43 11.69 4.16
C ILE A 82 11.48 11.95 3.00
N THR A 83 11.30 10.95 2.15
CA THR A 83 10.24 11.02 1.14
C THR A 83 8.89 10.79 1.81
N ASN A 84 7.96 11.72 1.61
CA ASN A 84 6.62 11.53 2.14
C ASN A 84 5.93 10.36 1.45
N VAL A 85 5.10 9.66 2.20
CA VAL A 85 4.34 8.54 1.67
C VAL A 85 2.88 8.70 2.11
N PRO A 86 1.99 9.11 1.21
CA PRO A 86 0.63 9.43 1.65
C PRO A 86 -0.08 8.17 2.17
N PRO A 87 -1.00 8.34 3.11
CA PRO A 87 -1.65 7.16 3.70
C PRO A 87 -2.78 6.64 2.84
N GLU A 88 -3.08 5.35 3.01
CA GLU A 88 -4.35 4.79 2.57
C GLU A 88 -5.35 4.95 3.71
N VAL A 89 -6.55 5.40 3.37
CA VAL A 89 -7.55 5.66 4.39
C VAL A 89 -8.76 4.76 4.14
N THR A 90 -9.39 4.34 5.23
CA THR A 90 -10.53 3.43 5.18
C THR A 90 -11.40 3.73 6.39
N VAL A 91 -12.71 3.81 6.17
CA VAL A 91 -13.68 3.95 7.25
C VAL A 91 -14.50 2.68 7.34
N LEU A 92 -14.73 2.22 8.56
CA LEU A 92 -15.57 1.06 8.78
C LEU A 92 -16.02 1.05 10.24
N THR A 93 -16.73 0.00 10.61
CA THR A 93 -17.33 -0.13 11.92
C THR A 93 -16.90 -1.45 12.54
N ASN A 94 -16.68 -1.45 13.85
CA ASN A 94 -16.11 -2.62 14.51
C ASN A 94 -17.07 -3.80 14.55
N SER A 95 -18.38 -3.55 14.47
CA SER A 95 -19.37 -4.61 14.43
C SER A 95 -20.43 -4.24 13.40
N PRO A 96 -21.05 -5.24 12.76
CA PRO A 96 -22.08 -4.92 11.76
C PRO A 96 -23.16 -4.04 12.36
N VAL A 97 -23.73 -3.20 11.51
CA VAL A 97 -24.54 -2.08 11.99
C VAL A 97 -25.95 -2.52 12.31
N GLU A 98 -26.48 -1.96 13.40
CA GLU A 98 -27.89 -2.10 13.77
C GLU A 98 -28.40 -0.73 14.19
N LEU A 99 -29.42 -0.24 13.49
CA LEU A 99 -29.82 1.15 13.64
C LEU A 99 -30.21 1.47 15.07
N ARG A 100 -29.88 2.69 15.49
CA ARG A 100 -30.20 3.20 16.82
C ARG A 100 -29.62 2.32 17.93
N GLU A 101 -28.68 1.44 17.59
CA GLU A 101 -27.95 0.64 18.57
C GLU A 101 -26.47 1.03 18.52
N PRO A 102 -25.87 1.48 19.63
CA PRO A 102 -24.49 1.97 19.60
C PRO A 102 -23.51 1.13 18.80
N ASN A 103 -22.52 1.81 18.23
CA ASN A 103 -21.49 1.20 17.39
C ASN A 103 -20.28 2.13 17.43
N VAL A 104 -19.27 1.84 16.62
CA VAL A 104 -18.09 2.71 16.53
C VAL A 104 -17.55 2.71 15.12
N LEU A 105 -17.21 3.90 14.63
CA LEU A 105 -16.59 4.10 13.32
C LEU A 105 -15.07 4.06 13.46
N ILE A 106 -14.42 3.23 12.65
CA ILE A 106 -12.98 3.08 12.68
C ILE A 106 -12.40 3.74 11.43
N CYS A 107 -11.51 4.72 11.64
CA CYS A 107 -10.74 5.31 10.56
C CYS A 107 -9.36 4.67 10.54
N PHE A 108 -9.04 3.97 9.46
CA PHE A 108 -7.82 3.18 9.35
C PHE A 108 -6.86 3.89 8.38
N ILE A 109 -5.87 4.59 8.94
CA ILE A 109 -4.86 5.28 8.16
C ILE A 109 -3.65 4.36 8.06
N ASP A 110 -3.34 3.91 6.84
CA ASP A 110 -2.34 2.87 6.63
C ASP A 110 -1.26 3.32 5.65
N LYS A 111 -0.09 2.70 5.78
CA LYS A 111 0.94 2.71 4.74
C LYS A 111 1.47 4.11 4.44
N PHE A 112 1.95 4.79 5.47
CA PHE A 112 2.35 6.18 5.31
C PHE A 112 3.57 6.50 6.19
N THR A 113 4.23 7.61 5.85
CA THR A 113 5.31 8.21 6.63
C THR A 113 5.66 9.57 6.03
N PRO A 114 6.13 10.52 6.85
CA PRO A 114 6.45 10.38 8.28
C PRO A 114 5.22 10.23 9.18
N PRO A 115 5.47 9.98 10.52
CA PRO A 115 4.38 9.85 11.51
C PRO A 115 3.80 11.21 11.92
N VAL A 116 3.13 11.88 10.98
CA VAL A 116 2.42 13.12 11.25
C VAL A 116 1.20 13.18 10.35
N VAL A 117 0.02 13.15 10.94
CA VAL A 117 -1.22 13.39 10.21
C VAL A 117 -2.13 14.26 11.07
N ASN A 118 -3.12 14.84 10.40
CA ASN A 118 -4.23 15.53 11.05
C ASN A 118 -5.50 14.78 10.67
N VAL A 119 -6.17 14.18 11.67
CA VAL A 119 -7.42 13.47 11.42
C VAL A 119 -8.54 14.25 12.09
N THR A 120 -9.73 14.16 11.49
CA THR A 120 -10.88 14.91 11.95
C THR A 120 -12.15 14.17 11.54
N TRP A 121 -13.09 14.05 12.48
CA TRP A 121 -14.36 13.40 12.24
C TRP A 121 -15.42 14.44 11.92
N LEU A 122 -16.16 14.23 10.84
CA LEU A 122 -17.20 15.15 10.41
C LEU A 122 -18.53 14.41 10.33
N ARG A 123 -19.38 14.61 11.33
CA ARG A 123 -20.77 14.18 11.24
C ARG A 123 -21.56 15.25 10.50
N ASN A 124 -22.16 14.87 9.38
CA ASN A 124 -22.95 15.80 8.57
C ASN A 124 -22.21 17.12 8.36
N GLY A 125 -20.94 17.01 7.96
CA GLY A 125 -20.13 18.18 7.69
C GLY A 125 -19.55 18.89 8.89
N LYS A 126 -20.13 18.70 10.09
CA LYS A 126 -19.50 19.40 11.22
C LYS A 126 -18.50 18.48 11.91
N PRO A 127 -17.47 19.05 12.52
CA PRO A 127 -16.49 18.22 13.24
C PRO A 127 -17.01 17.78 14.59
N VAL A 128 -16.74 16.51 14.92
CA VAL A 128 -17.14 15.90 16.18
C VAL A 128 -15.89 15.78 17.05
N THR A 129 -15.81 16.58 18.10
CA THR A 129 -14.65 16.55 18.98
C THR A 129 -14.89 15.80 20.28
N THR A 130 -16.08 15.24 20.50
CA THR A 130 -16.41 14.59 21.77
C THR A 130 -16.76 13.12 21.53
N GLY A 131 -16.15 12.25 22.34
CA GLY A 131 -16.34 10.81 22.26
C GLY A 131 -15.18 10.07 21.62
N VAL A 132 -14.22 10.79 21.06
CA VAL A 132 -13.27 10.22 20.12
C VAL A 132 -12.00 9.80 20.85
N SER A 133 -11.31 8.84 20.24
CA SER A 133 -10.01 8.38 20.70
C SER A 133 -9.19 7.95 19.49
N GLU A 134 -7.89 7.93 19.67
CA GLU A 134 -6.96 7.59 18.61
C GLU A 134 -5.85 6.71 19.17
N THR A 135 -5.15 6.03 18.28
CA THR A 135 -3.98 5.25 18.66
C THR A 135 -2.72 5.93 18.13
N VAL A 136 -1.61 5.66 18.80
CA VAL A 136 -0.33 6.21 18.37
C VAL A 136 0.08 5.50 17.07
N PHE A 137 1.18 5.95 16.48
CA PHE A 137 1.62 5.41 15.19
C PHE A 137 2.16 4.01 15.39
N LEU A 138 1.44 3.02 14.88
CA LEU A 138 1.89 1.65 15.02
C LEU A 138 2.92 1.32 13.93
N PRO A 139 4.01 0.65 14.28
CA PRO A 139 5.00 0.30 13.27
C PRO A 139 4.43 -0.72 12.30
N ARG A 140 4.79 -0.56 11.03
CA ARG A 140 4.61 -1.61 10.04
C ARG A 140 5.96 -2.25 9.77
N GLU A 141 5.94 -3.37 9.05
CA GLU A 141 7.20 -4.05 8.78
C GLU A 141 8.00 -3.33 7.69
N ASP A 142 7.31 -2.64 6.78
CA ASP A 142 7.99 -1.94 5.69
C ASP A 142 8.40 -0.53 6.07
N HIS A 143 8.79 -0.33 7.32
CA HIS A 143 9.38 0.90 7.83
C HIS A 143 8.37 2.06 7.90
N LEU A 144 7.09 1.81 7.62
CA LEU A 144 6.05 2.84 7.57
C LEU A 144 5.23 2.84 8.88
N PHE A 145 4.01 3.36 8.82
CA PHE A 145 3.18 3.54 10.00
C PHE A 145 1.71 3.29 9.70
N ARG A 146 0.97 2.82 10.70
CA ARG A 146 -0.48 2.74 10.65
C ARG A 146 -1.07 3.35 11.92
N LYS A 147 -2.29 3.89 11.79
CA LYS A 147 -2.94 4.60 12.86
C LYS A 147 -4.44 4.34 12.82
N PHE A 148 -5.10 4.48 13.98
CA PHE A 148 -6.52 4.18 14.13
C PHE A 148 -7.21 5.32 14.87
N HIS A 149 -8.26 5.86 14.28
CA HIS A 149 -9.10 6.86 14.93
C HIS A 149 -10.51 6.31 15.08
N TYR A 150 -11.10 6.57 16.24
CA TYR A 150 -12.36 5.96 16.64
C TYR A 150 -13.40 7.03 16.93
N LEU A 151 -14.58 6.86 16.36
CA LEU A 151 -15.74 7.67 16.69
C LEU A 151 -16.86 6.77 17.16
N PRO A 152 -17.19 6.75 18.44
CA PRO A 152 -18.40 6.04 18.87
C PRO A 152 -19.61 6.83 18.39
N PHE A 153 -20.57 6.12 17.82
CA PHE A 153 -21.69 6.81 17.17
C PHE A 153 -22.92 5.92 17.24
N LEU A 154 -24.06 6.55 16.97
CA LEU A 154 -25.36 5.89 17.00
C LEU A 154 -25.89 5.77 15.58
N PRO A 155 -25.86 4.57 14.98
CA PRO A 155 -26.26 4.44 13.57
C PRO A 155 -27.66 4.98 13.31
N SER A 156 -27.86 5.49 12.10
CA SER A 156 -29.04 6.24 11.73
C SER A 156 -29.09 6.43 10.23
N THR A 157 -30.31 6.55 9.69
CA THR A 157 -30.46 6.86 8.28
C THR A 157 -30.37 8.35 7.98
N GLU A 158 -30.36 9.21 8.99
CA GLU A 158 -30.32 10.66 8.80
C GLU A 158 -28.93 11.25 8.96
N ASP A 159 -27.90 10.43 9.17
CA ASP A 159 -26.55 10.93 9.46
C ASP A 159 -25.56 10.38 8.44
N VAL A 160 -24.63 11.23 8.01
CA VAL A 160 -23.49 10.82 7.21
C VAL A 160 -22.22 11.31 7.89
N TYR A 161 -21.12 10.58 7.68
CA TYR A 161 -19.85 10.87 8.32
C TYR A 161 -18.73 10.79 7.28
N ASP A 162 -17.68 11.56 7.50
CA ASP A 162 -16.43 11.42 6.77
C ASP A 162 -15.27 11.48 7.74
N CYS A 163 -14.25 10.67 7.47
CA CYS A 163 -12.94 10.83 8.12
C CYS A 163 -12.09 11.69 7.22
N ARG A 164 -11.43 12.70 7.80
CA ARG A 164 -10.63 13.65 7.04
C ARG A 164 -9.18 13.58 7.49
N VAL A 165 -8.32 13.02 6.64
CA VAL A 165 -6.90 12.87 6.93
C VAL A 165 -6.11 13.93 6.17
N GLU A 166 -5.12 14.50 6.83
CA GLU A 166 -4.24 15.51 6.22
C GLU A 166 -2.80 15.04 6.40
N HIS A 167 -2.13 14.70 5.29
CA HIS A 167 -0.75 14.28 5.33
C HIS A 167 0.06 15.08 4.32
N TRP A 168 1.36 15.22 4.58
CA TRP A 168 2.22 16.00 3.69
C TRP A 168 2.38 15.32 2.34
N GLY A 169 2.40 13.99 2.30
CA GLY A 169 2.39 13.31 1.03
C GLY A 169 1.09 13.38 0.26
N LEU A 170 0.11 14.16 0.72
CA LEU A 170 -1.18 14.30 0.07
C LEU A 170 -1.32 15.71 -0.48
N ASP A 171 -1.94 15.83 -1.66
CA ASP A 171 -2.16 17.12 -2.30
C ASP A 171 -3.17 17.96 -1.53
N GLU A 172 -4.41 17.52 -1.53
CA GLU A 172 -5.48 18.12 -0.74
C GLU A 172 -5.72 17.24 0.50
N PRO A 173 -6.59 17.64 1.42
CA PRO A 173 -7.03 16.70 2.45
C PRO A 173 -7.80 15.55 1.83
N LEU A 174 -7.72 14.39 2.46
CA LEU A 174 -8.38 13.19 2.00
C LEU A 174 -9.63 12.94 2.85
N LEU A 175 -10.79 12.88 2.20
CA LEU A 175 -12.04 12.51 2.86
C LEU A 175 -12.40 11.09 2.48
N LYS A 176 -12.69 10.27 3.47
CA LYS A 176 -13.27 8.95 3.28
C LYS A 176 -14.67 8.95 3.86
N HIS A 177 -15.63 8.47 3.08
CA HIS A 177 -17.05 8.63 3.37
C HIS A 177 -17.62 7.38 4.02
N TRP A 178 -18.61 7.59 4.89
CA TRP A 178 -19.41 6.48 5.40
C TRP A 178 -20.80 6.99 5.75
N GLU A 179 -21.81 6.31 5.22
CA GLU A 179 -23.18 6.47 5.64
C GLU A 179 -23.84 5.11 5.59
N PHE A 180 -24.79 4.88 6.50
CA PHE A 180 -25.52 3.62 6.46
C PHE A 180 -26.17 3.47 5.10
N ASP A 181 -25.73 2.48 4.33
CA ASP A 181 -26.20 2.24 2.97
C ASP A 181 -25.41 3.09 1.97
N ASP B 2 3.73 22.55 6.92
CA ASP B 2 5.13 22.94 7.00
C ASP B 2 5.87 22.59 5.72
N THR B 3 6.68 23.54 5.25
CA THR B 3 7.44 23.37 4.03
C THR B 3 8.79 22.69 4.26
N ARG B 4 9.25 22.61 5.51
CA ARG B 4 10.59 22.14 5.83
C ARG B 4 10.72 20.64 5.59
N PRO B 5 11.94 20.11 5.64
CA PRO B 5 12.16 18.67 5.51
C PRO B 5 12.16 17.98 6.87
N ARG B 6 12.00 16.65 6.82
CA ARG B 6 11.82 15.83 8.01
C ARG B 6 12.88 14.74 8.08
N PHE B 7 13.31 14.43 9.30
CA PHE B 7 14.37 13.44 9.53
C PHE B 7 13.91 12.48 10.61
N LEU B 8 13.87 11.19 10.28
CA LEU B 8 13.16 10.19 11.06
C LEU B 8 14.12 9.11 11.53
N TRP B 9 14.32 9.03 12.84
CA TRP B 9 15.06 7.93 13.45
C TRP B 9 14.04 6.97 14.07
N GLN B 10 14.19 5.68 13.75
CA GLN B 10 13.18 4.69 14.12
C GLN B 10 13.88 3.41 14.52
N PRO B 11 14.16 3.23 15.81
CA PRO B 11 14.70 1.94 16.28
C PRO B 11 13.59 0.94 16.61
N LYS B 12 13.81 -0.31 16.22
CA LYS B 12 12.85 -1.38 16.43
C LYS B 12 13.55 -2.54 17.13
N ARG B 13 13.03 -2.95 18.28
CA ARG B 13 13.52 -4.10 19.02
C ARG B 13 12.50 -5.22 18.91
N GLU B 14 12.89 -6.35 18.31
CA GLU B 14 11.95 -7.39 17.95
C GLU B 14 12.28 -8.71 18.65
N CYS B 15 11.22 -9.40 19.07
CA CYS B 15 11.30 -10.73 19.63
C CYS B 15 10.39 -11.66 18.83
N HIS B 16 10.96 -12.76 18.34
CA HIS B 16 10.23 -13.71 17.50
C HIS B 16 10.23 -15.07 18.18
N PHE B 17 9.04 -15.63 18.40
CA PHE B 17 8.86 -16.82 19.24
C PHE B 17 8.30 -17.97 18.43
N PHE B 18 8.87 -19.15 18.64
CA PHE B 18 8.46 -20.38 17.99
C PHE B 18 8.34 -21.48 19.03
N ASN B 19 7.51 -22.48 18.74
CA ASN B 19 7.18 -23.51 19.72
C ASN B 19 6.99 -22.86 21.09
N GLY B 20 6.08 -21.89 21.12
CA GLY B 20 5.82 -21.10 22.31
C GLY B 20 6.97 -20.21 22.70
N THR B 21 7.99 -20.81 23.32
CA THR B 21 9.17 -20.05 23.72
C THR B 21 10.45 -20.87 23.55
N GLU B 22 10.40 -22.03 22.89
CA GLU B 22 11.58 -22.86 22.72
C GLU B 22 12.62 -22.19 21.84
N ARG B 23 12.18 -21.62 20.71
CA ARG B 23 13.07 -20.94 19.79
C ARG B 23 12.73 -19.45 19.76
N VAL B 24 13.68 -18.62 20.19
CA VAL B 24 13.52 -17.17 20.18
C VAL B 24 14.56 -16.58 19.25
N ARG B 25 14.20 -15.50 18.57
CA ARG B 25 15.11 -14.78 17.68
C ARG B 25 14.92 -13.28 17.90
N PHE B 26 16.00 -12.61 18.27
CA PHE B 26 15.97 -11.20 18.64
C PHE B 26 16.68 -10.37 17.59
N LEU B 27 16.04 -9.27 17.15
CA LEU B 27 16.61 -8.35 16.18
C LEU B 27 16.57 -6.94 16.75
N ASP B 28 17.72 -6.27 16.76
CA ASP B 28 17.82 -4.85 17.06
C ASP B 28 18.06 -4.14 15.73
N ARG B 29 17.06 -3.39 15.27
CA ARG B 29 17.06 -2.81 13.93
C ARG B 29 16.91 -1.30 14.02
N TYR B 30 17.64 -0.59 13.17
CA TYR B 30 17.68 0.87 13.19
C TYR B 30 17.38 1.40 11.80
N PHE B 31 16.38 2.27 11.70
CA PHE B 31 15.88 2.78 10.43
C PHE B 31 16.03 4.29 10.40
N TYR B 32 16.86 4.78 9.48
CA TYR B 32 16.94 6.22 9.21
C TYR B 32 15.98 6.56 8.08
N ASN B 33 15.19 7.61 8.30
CA ASN B 33 14.01 7.87 7.49
C ASN B 33 13.36 6.56 7.09
N GLN B 34 13.57 6.12 5.84
CA GLN B 34 12.85 4.98 5.30
C GLN B 34 13.75 3.79 4.99
N GLU B 35 15.02 3.84 5.36
CA GLU B 35 15.95 2.76 5.10
C GLU B 35 16.48 2.17 6.40
N GLU B 36 16.82 0.88 6.36
CA GLU B 36 17.41 0.20 7.50
C GLU B 36 18.93 0.35 7.41
N SER B 37 19.52 0.99 8.41
CA SER B 37 20.96 1.26 8.37
C SER B 37 21.78 0.11 8.94
N VAL B 38 21.48 -0.34 10.16
CA VAL B 38 22.23 -1.41 10.80
C VAL B 38 21.29 -2.25 11.65
N ARG B 39 21.65 -3.51 11.83
CA ARG B 39 20.79 -4.50 12.45
C ARG B 39 21.62 -5.50 13.24
N PHE B 40 21.07 -5.96 14.36
CA PHE B 40 21.59 -7.12 15.07
C PHE B 40 20.62 -8.28 14.90
N ASP B 41 21.15 -9.47 14.65
CA ASP B 41 20.33 -10.66 14.46
C ASP B 41 20.85 -11.75 15.38
N SER B 42 19.97 -12.23 16.28
CA SER B 42 20.35 -13.30 17.21
C SER B 42 20.91 -14.50 16.46
N ASP B 43 20.29 -14.86 15.35
CA ASP B 43 20.73 -16.03 14.58
C ASP B 43 22.05 -15.78 13.88
N VAL B 44 22.49 -14.54 13.79
CA VAL B 44 23.76 -14.21 13.15
C VAL B 44 24.87 -14.02 14.17
N GLY B 45 24.55 -13.43 15.32
CA GLY B 45 25.49 -13.31 16.41
C GLY B 45 26.27 -12.02 16.47
N GLU B 46 26.03 -11.07 15.55
CA GLU B 46 26.76 -9.82 15.56
C GLU B 46 26.01 -8.79 14.73
N PHE B 47 26.32 -7.53 14.97
CA PHE B 47 25.76 -6.46 14.17
C PHE B 47 26.25 -6.55 12.74
N ARG B 48 25.45 -6.00 11.83
CA ARG B 48 25.68 -6.16 10.40
C ARG B 48 25.06 -4.94 9.73
N ALA B 49 25.88 -4.13 9.06
CA ALA B 49 25.37 -2.94 8.41
C ALA B 49 24.48 -3.33 7.23
N VAL B 50 23.22 -2.91 7.27
CA VAL B 50 22.32 -3.19 6.15
C VAL B 50 22.68 -2.30 4.96
N THR B 51 22.83 -1.00 5.21
CA THR B 51 23.22 -0.04 4.18
C THR B 51 24.52 0.64 4.57
N GLU B 52 25.10 1.35 3.61
CA GLU B 52 26.38 2.02 3.83
C GLU B 52 26.33 2.93 5.05
N LEU B 53 25.22 3.62 5.27
CA LEU B 53 25.14 4.57 6.36
C LEU B 53 25.42 3.93 7.72
N GLY B 54 25.19 2.63 7.86
CA GLY B 54 25.33 1.99 9.15
C GLY B 54 26.58 1.14 9.32
N ARG B 55 27.58 1.38 8.49
CA ARG B 55 28.85 0.65 8.57
C ARG B 55 29.68 1.17 9.73
N PRO B 56 29.76 2.49 9.95
CA PRO B 56 30.49 3.00 11.12
C PRO B 56 30.10 2.32 12.42
N ASP B 57 28.83 1.94 12.56
CA ASP B 57 28.28 1.41 13.79
C ASP B 57 28.42 -0.11 13.88
N ALA B 58 28.04 -0.81 12.81
CA ALA B 58 28.34 -2.24 12.74
C ALA B 58 29.77 -2.49 13.15
N GLU B 59 30.68 -1.64 12.67
CA GLU B 59 32.10 -1.83 12.93
C GLU B 59 32.47 -1.52 14.38
N TYR B 60 31.97 -0.41 14.94
CA TYR B 60 32.35 -0.07 16.32
C TYR B 60 31.81 -1.11 17.31
N TRP B 61 30.49 -1.27 17.37
CA TRP B 61 29.93 -2.45 18.01
C TRP B 61 30.59 -3.65 17.33
N ASN B 62 30.49 -4.84 17.90
CA ASN B 62 31.23 -5.99 17.36
C ASN B 62 32.67 -5.95 17.84
N SER B 63 33.13 -4.78 18.31
CA SER B 63 34.45 -4.63 18.91
C SER B 63 34.39 -4.64 20.43
N GLN B 64 33.32 -4.08 21.00
CA GLN B 64 33.13 -4.06 22.44
C GLN B 64 32.54 -5.40 22.86
N LYS B 65 33.34 -6.22 23.56
CA LYS B 65 32.84 -7.51 24.03
C LYS B 65 31.54 -7.34 24.81
N ASP B 66 31.44 -6.23 25.56
CA ASP B 66 30.26 -6.00 26.40
C ASP B 66 29.02 -5.72 25.56
N ILE B 67 29.15 -4.88 24.53
CA ILE B 67 28.01 -4.61 23.65
C ILE B 67 27.49 -5.89 23.03
N LEU B 68 28.41 -6.77 22.60
CA LEU B 68 28.00 -8.02 21.97
C LEU B 68 27.43 -9.00 22.99
N GLU B 69 28.14 -9.19 24.11
CA GLU B 69 27.63 -10.01 25.19
C GLU B 69 26.19 -9.64 25.53
N GLN B 70 25.98 -8.36 25.85
CA GLN B 70 24.64 -7.91 26.18
C GLN B 70 23.65 -8.22 25.07
N ALA B 71 24.02 -7.90 23.83
CA ALA B 71 23.14 -8.17 22.70
C ALA B 71 22.80 -9.66 22.62
N ARG B 72 23.82 -10.51 22.55
CA ARG B 72 23.58 -11.95 22.42
C ARG B 72 22.68 -12.48 23.52
N ALA B 73 22.71 -11.86 24.70
CA ALA B 73 21.92 -12.31 25.84
C ALA B 73 20.56 -11.62 25.92
N ALA B 74 20.01 -11.17 24.81
CA ALA B 74 18.71 -10.52 24.81
C ALA B 74 17.57 -11.51 24.67
N VAL B 75 17.76 -12.60 23.93
CA VAL B 75 16.73 -13.63 23.83
C VAL B 75 16.26 -14.06 25.21
N ASP B 76 17.16 -14.03 26.20
CA ASP B 76 16.81 -14.40 27.57
C ASP B 76 16.38 -13.18 28.38
N THR B 77 17.29 -12.21 28.55
CA THR B 77 17.03 -11.10 29.47
C THR B 77 15.94 -10.16 28.97
N TYR B 78 15.60 -10.20 27.68
CA TYR B 78 14.61 -9.28 27.11
C TYR B 78 13.41 -10.01 26.54
N CYS B 79 13.63 -10.92 25.59
CA CYS B 79 12.50 -11.53 24.88
C CYS B 79 11.74 -12.49 25.78
N ARG B 80 12.42 -13.52 26.30
CA ARG B 80 11.74 -14.52 27.10
C ARG B 80 11.07 -13.89 28.32
N HIS B 81 11.78 -13.02 29.03
CA HIS B 81 11.19 -12.35 30.18
C HIS B 81 9.89 -11.66 29.81
N ASN B 82 9.91 -10.84 28.76
CA ASN B 82 8.72 -10.08 28.38
C ASN B 82 7.59 -10.98 27.91
N TYR B 83 7.92 -12.14 27.33
CA TYR B 83 6.91 -13.17 27.10
C TYR B 83 6.22 -13.56 28.41
N GLY B 84 7.02 -13.92 29.41
CA GLY B 84 6.51 -14.27 30.72
C GLY B 84 5.45 -13.32 31.23
N VAL B 85 5.61 -12.03 30.94
CA VAL B 85 4.65 -11.04 31.39
C VAL B 85 3.46 -11.03 30.43
N GLY B 86 3.68 -10.54 29.20
CA GLY B 86 2.61 -10.42 28.23
C GLY B 86 1.70 -11.64 28.10
N GLU B 87 2.19 -12.81 28.49
CA GLU B 87 1.54 -14.07 28.09
C GLU B 87 0.08 -14.11 28.49
N SER B 88 -0.22 -13.78 29.75
CA SER B 88 -1.57 -13.94 30.28
C SER B 88 -2.60 -13.27 29.39
N PHE B 89 -2.38 -12.00 29.03
CA PHE B 89 -3.38 -11.19 28.36
C PHE B 89 -3.12 -11.01 26.86
N THR B 90 -2.13 -11.71 26.29
CA THR B 90 -1.83 -11.57 24.87
C THR B 90 -1.82 -12.92 24.18
N VAL B 91 -0.80 -13.75 24.46
CA VAL B 91 -0.76 -15.08 23.88
C VAL B 91 -2.00 -15.87 24.23
N GLN B 92 -2.45 -15.78 25.48
CA GLN B 92 -3.59 -16.53 25.97
C GLN B 92 -4.91 -15.78 25.83
N ARG B 93 -4.87 -14.55 25.33
CA ARG B 93 -6.10 -13.82 25.08
C ARG B 93 -6.91 -14.53 24.00
N ARG B 94 -8.15 -14.90 24.34
CA ARG B 94 -9.07 -15.44 23.35
C ARG B 94 -10.42 -14.76 23.53
N VAL B 95 -11.06 -14.46 22.40
CA VAL B 95 -12.34 -13.76 22.39
C VAL B 95 -13.17 -14.30 21.22
N GLN B 96 -14.35 -14.81 21.52
CA GLN B 96 -15.11 -15.52 20.51
C GLN B 96 -15.82 -14.58 19.54
N PRO B 97 -15.94 -14.98 18.28
CA PRO B 97 -16.57 -14.12 17.29
C PRO B 97 -18.09 -14.15 17.38
N LYS B 98 -18.70 -13.01 17.06
CA LYS B 98 -20.12 -12.93 16.74
C LYS B 98 -20.29 -13.12 15.24
N VAL B 99 -21.31 -13.88 14.83
CA VAL B 99 -21.44 -14.33 13.45
C VAL B 99 -22.85 -14.04 12.95
N THR B 100 -22.98 -13.01 12.11
CA THR B 100 -24.23 -12.69 11.41
C THR B 100 -24.21 -13.27 10.00
N VAL B 101 -25.39 -13.67 9.52
CA VAL B 101 -25.59 -13.99 8.11
C VAL B 101 -26.76 -13.17 7.61
N TYR B 102 -26.48 -12.21 6.74
CA TYR B 102 -27.47 -11.38 6.07
C TYR B 102 -27.15 -11.36 4.59
N PRO B 103 -28.17 -11.10 3.74
CA PRO B 103 -27.90 -10.87 2.32
C PRO B 103 -27.56 -9.42 2.04
N SER B 104 -26.61 -9.22 1.12
CA SER B 104 -26.00 -7.92 0.86
C SER B 104 -26.95 -7.05 0.05
N LYS B 105 -27.95 -6.49 0.76
CA LYS B 105 -28.96 -5.64 0.13
C LYS B 105 -29.61 -6.33 -1.06
N THR B 106 -29.36 -7.63 -1.22
CA THR B 106 -29.98 -8.42 -2.28
C THR B 106 -31.29 -8.97 -1.76
N GLN B 107 -32.30 -8.10 -1.75
CA GLN B 107 -33.66 -8.45 -1.37
C GLN B 107 -34.42 -9.21 -2.46
N PRO B 108 -34.01 -9.14 -3.76
CA PRO B 108 -34.77 -9.85 -4.80
C PRO B 108 -35.14 -11.29 -4.43
N LEU B 109 -36.21 -11.79 -5.04
CA LEU B 109 -36.76 -13.09 -4.63
C LEU B 109 -35.88 -14.24 -5.12
N GLN B 110 -35.53 -14.25 -6.41
CA GLN B 110 -34.69 -15.32 -6.95
C GLN B 110 -33.79 -14.82 -8.08
N HIS B 111 -32.95 -13.83 -7.79
CA HIS B 111 -31.96 -13.39 -8.76
C HIS B 111 -30.56 -13.60 -8.18
N HIS B 112 -29.55 -12.94 -8.73
CA HIS B 112 -28.22 -13.08 -8.15
C HIS B 112 -28.16 -12.30 -6.84
N ASN B 113 -27.56 -12.93 -5.83
CA ASN B 113 -27.39 -12.31 -4.53
C ASN B 113 -25.98 -12.58 -4.03
N LEU B 114 -25.61 -11.86 -2.97
CA LEU B 114 -24.45 -12.19 -2.16
C LEU B 114 -24.92 -12.45 -0.74
N LEU B 115 -24.48 -13.56 -0.17
CA LEU B 115 -24.74 -13.88 1.23
C LEU B 115 -23.54 -13.49 2.07
N VAL B 116 -23.76 -12.58 3.00
CA VAL B 116 -22.68 -12.05 3.82
C VAL B 116 -22.59 -12.89 5.09
N CYS B 117 -21.40 -13.42 5.36
CA CYS B 117 -21.10 -13.98 6.68
C CYS B 117 -20.21 -12.97 7.39
N SER B 118 -20.83 -12.14 8.21
CA SER B 118 -20.09 -11.17 9.02
C SER B 118 -19.57 -11.86 10.28
N VAL B 119 -18.28 -11.69 10.56
CA VAL B 119 -17.61 -12.30 11.70
C VAL B 119 -16.79 -11.20 12.36
N SER B 120 -17.22 -10.77 13.54
CA SER B 120 -16.63 -9.59 14.18
C SER B 120 -16.20 -9.90 15.62
N GLY B 121 -15.31 -9.05 16.13
CA GLY B 121 -15.03 -8.94 17.54
C GLY B 121 -14.13 -9.99 18.15
N PHE B 122 -13.40 -10.76 17.35
CA PHE B 122 -12.68 -11.91 17.87
C PHE B 122 -11.18 -11.65 18.00
N TYR B 123 -10.55 -12.46 18.85
CA TYR B 123 -9.11 -12.50 19.05
C TYR B 123 -8.74 -13.92 19.44
N PRO B 124 -7.60 -14.44 18.97
CA PRO B 124 -6.63 -13.86 18.03
C PRO B 124 -7.17 -13.73 16.61
N GLY B 125 -6.27 -13.78 15.64
CA GLY B 125 -6.63 -13.52 14.25
C GLY B 125 -6.84 -14.77 13.42
N SER B 126 -6.29 -15.90 13.85
CA SER B 126 -6.52 -17.15 13.14
C SER B 126 -8.00 -17.51 13.16
N ILE B 127 -8.58 -17.67 11.96
CA ILE B 127 -10.00 -17.95 11.84
C ILE B 127 -10.23 -18.62 10.49
N GLU B 128 -11.29 -19.41 10.40
CA GLU B 128 -11.66 -20.07 9.17
C GLU B 128 -13.16 -19.99 8.99
N VAL B 129 -13.60 -19.63 7.78
CA VAL B 129 -14.99 -19.34 7.50
C VAL B 129 -15.36 -20.04 6.19
N ARG B 130 -16.23 -21.04 6.27
CA ARG B 130 -16.68 -21.78 5.11
C ARG B 130 -18.18 -21.61 4.92
N TRP B 131 -18.59 -21.72 3.66
CA TRP B 131 -20.00 -21.69 3.29
C TRP B 131 -20.43 -23.08 2.86
N PHE B 132 -21.64 -23.46 3.29
CA PHE B 132 -22.20 -24.75 2.91
C PHE B 132 -23.61 -24.52 2.39
N LEU B 133 -23.89 -25.10 1.22
CA LEU B 133 -25.23 -25.15 0.66
C LEU B 133 -25.77 -26.56 0.87
N ASN B 134 -26.81 -26.70 1.67
CA ASN B 134 -27.41 -27.99 1.99
C ASN B 134 -26.34 -29.03 2.32
N GLY B 135 -25.53 -28.68 3.32
CA GLY B 135 -24.53 -29.60 3.83
C GLY B 135 -23.37 -29.90 2.92
N GLN B 136 -23.32 -29.30 1.74
CA GLN B 136 -22.19 -29.44 0.81
C GLN B 136 -21.43 -28.12 0.74
N GLU B 137 -20.11 -28.21 0.77
CA GLU B 137 -19.24 -27.04 0.96
C GLU B 137 -19.08 -26.28 -0.35
N GLU B 138 -19.73 -25.11 -0.44
CA GLU B 138 -19.37 -24.16 -1.49
C GLU B 138 -17.89 -23.90 -1.44
N LYS B 139 -17.21 -24.12 -2.56
CA LYS B 139 -15.80 -23.80 -2.66
C LYS B 139 -15.49 -22.74 -3.72
N ALA B 140 -16.44 -22.43 -4.60
CA ALA B 140 -16.30 -21.37 -5.59
C ALA B 140 -17.17 -20.18 -5.21
N GLY B 141 -16.83 -19.03 -5.79
CA GLY B 141 -17.61 -17.82 -5.64
C GLY B 141 -17.60 -17.24 -4.24
N MET B 142 -16.42 -17.10 -3.64
CA MET B 142 -16.28 -16.62 -2.27
C MET B 142 -15.47 -15.32 -2.29
N VAL B 143 -16.14 -14.22 -1.95
CA VAL B 143 -15.54 -12.89 -1.95
C VAL B 143 -15.21 -12.47 -0.52
N SER B 144 -14.00 -12.78 -0.08
CA SER B 144 -13.57 -12.49 1.29
C SER B 144 -12.92 -11.12 1.39
N THR B 145 -12.83 -10.61 2.61
CA THR B 145 -12.16 -9.34 2.89
C THR B 145 -10.81 -9.53 3.53
N GLY B 146 -10.37 -10.77 3.76
CA GLY B 146 -9.20 -11.02 4.56
C GLY B 146 -9.40 -10.56 5.99
N LEU B 147 -8.38 -10.72 6.82
CA LEU B 147 -8.46 -10.24 8.20
C LEU B 147 -8.47 -8.72 8.21
N ILE B 148 -9.15 -8.15 9.20
CA ILE B 148 -9.23 -6.70 9.35
C ILE B 148 -8.98 -6.31 10.80
N GLN B 149 -7.78 -5.81 11.08
CA GLN B 149 -7.41 -5.45 12.45
C GLN B 149 -8.13 -4.19 12.88
N ASN B 150 -9.06 -4.32 13.83
CA ASN B 150 -9.79 -3.18 14.36
C ASN B 150 -8.93 -2.29 15.25
N GLY B 151 -7.75 -2.75 15.65
CA GLY B 151 -6.84 -1.94 16.44
C GLY B 151 -7.15 -1.87 17.92
N ASP B 152 -8.27 -2.44 18.37
CA ASP B 152 -8.61 -2.50 19.78
C ASP B 152 -8.38 -3.88 20.37
N TRP B 153 -7.61 -4.73 19.68
CA TRP B 153 -7.38 -6.12 20.09
C TRP B 153 -8.60 -6.96 19.74
N THR B 154 -9.23 -6.64 18.62
CA THR B 154 -10.23 -7.52 18.01
C THR B 154 -10.03 -7.47 16.50
N PHE B 155 -10.67 -8.42 15.81
CA PHE B 155 -10.66 -8.45 14.35
C PHE B 155 -12.08 -8.56 13.86
N GLN B 156 -12.23 -8.43 12.55
CA GLN B 156 -13.46 -8.75 11.86
C GLN B 156 -13.11 -9.29 10.48
N THR B 157 -14.12 -9.84 9.82
CA THR B 157 -13.96 -10.35 8.47
C THR B 157 -15.34 -10.60 7.90
N LEU B 158 -15.44 -10.53 6.58
CA LEU B 158 -16.65 -10.86 5.86
C LEU B 158 -16.28 -11.82 4.74
N VAL B 159 -17.04 -12.91 4.62
CA VAL B 159 -16.94 -13.82 3.48
C VAL B 159 -18.30 -13.83 2.80
N MET B 160 -18.33 -13.44 1.53
CA MET B 160 -19.57 -13.31 0.79
C MET B 160 -19.69 -14.43 -0.24
N LEU B 161 -20.88 -14.98 -0.35
CA LEU B 161 -21.16 -16.09 -1.25
C LEU B 161 -22.07 -15.61 -2.38
N GLU B 162 -21.62 -15.82 -3.61
CA GLU B 162 -22.46 -15.55 -4.78
C GLU B 162 -23.41 -16.73 -4.96
N THR B 163 -24.70 -16.42 -5.10
CA THR B 163 -25.71 -17.46 -5.21
C THR B 163 -26.96 -16.88 -5.85
N VAL B 164 -27.74 -17.77 -6.46
CA VAL B 164 -29.12 -17.45 -6.81
C VAL B 164 -30.00 -18.25 -5.86
N PRO B 165 -30.58 -17.61 -4.84
CA PRO B 165 -31.38 -18.37 -3.87
C PRO B 165 -32.69 -18.83 -4.49
N ARG B 166 -33.01 -20.10 -4.27
CA ARG B 166 -34.29 -20.66 -4.65
C ARG B 166 -34.90 -21.34 -3.44
N SER B 167 -36.21 -21.20 -3.28
CA SER B 167 -36.89 -21.62 -2.05
C SER B 167 -36.52 -23.06 -1.70
N GLY B 168 -36.27 -23.28 -0.41
CA GLY B 168 -35.92 -24.59 0.09
C GLY B 168 -34.43 -24.86 0.20
N GLU B 169 -33.59 -23.88 -0.08
CA GLU B 169 -32.15 -24.03 0.05
C GLU B 169 -31.70 -23.50 1.40
N VAL B 170 -30.71 -24.17 2.00
CA VAL B 170 -30.18 -23.81 3.30
C VAL B 170 -28.67 -23.64 3.16
N TYR B 171 -28.20 -22.40 3.32
CA TYR B 171 -26.78 -22.08 3.33
C TYR B 171 -26.32 -21.97 4.77
N THR B 172 -25.19 -22.59 5.10
CA THR B 172 -24.62 -22.55 6.43
C THR B 172 -23.24 -21.92 6.38
N CYS B 173 -22.98 -20.98 7.27
CA CYS B 173 -21.65 -20.41 7.46
C CYS B 173 -21.00 -21.05 8.67
N GLN B 174 -19.80 -21.58 8.49
CA GLN B 174 -19.14 -22.40 9.50
C GLN B 174 -17.83 -21.75 9.91
N VAL B 175 -17.80 -21.20 11.12
CA VAL B 175 -16.67 -20.42 11.62
C VAL B 175 -15.90 -21.26 12.63
N GLU B 176 -14.60 -21.42 12.40
CA GLU B 176 -13.72 -22.06 13.37
C GLU B 176 -12.71 -21.03 13.87
N HIS B 177 -12.39 -21.10 15.16
CA HIS B 177 -11.56 -20.10 15.82
C HIS B 177 -11.07 -20.67 17.15
N PRO B 178 -9.82 -20.42 17.53
CA PRO B 178 -9.29 -20.97 18.79
C PRO B 178 -10.16 -20.77 20.02
N SER B 179 -11.08 -19.81 20.00
CA SER B 179 -11.86 -19.53 21.20
C SER B 179 -13.07 -20.46 21.37
N VAL B 180 -13.28 -21.42 20.48
CA VAL B 180 -14.42 -22.33 20.57
C VAL B 180 -13.98 -23.73 20.19
N THR B 181 -14.58 -24.73 20.85
CA THR B 181 -14.23 -26.13 20.61
C THR B 181 -14.84 -26.62 19.30
N SER B 182 -16.15 -26.73 19.28
CA SER B 182 -16.74 -27.11 18.01
C SER B 182 -17.05 -25.89 17.16
N PRO B 183 -17.05 -26.04 15.84
CA PRO B 183 -17.23 -24.88 14.96
C PRO B 183 -18.56 -24.20 15.21
N LEU B 184 -18.55 -22.87 15.12
CA LEU B 184 -19.77 -22.08 15.17
C LEU B 184 -20.44 -22.06 13.80
N THR B 185 -21.76 -22.16 13.80
CA THR B 185 -22.51 -22.12 12.56
C THR B 185 -23.71 -21.19 12.69
N VAL B 186 -24.01 -20.51 11.59
CA VAL B 186 -25.28 -19.83 11.39
C VAL B 186 -25.78 -20.23 10.02
N GLU B 187 -27.05 -20.58 9.94
CA GLU B 187 -27.66 -21.01 8.69
C GLU B 187 -28.54 -19.89 8.14
N TRP B 188 -28.92 -20.05 6.88
CA TRP B 188 -29.83 -19.13 6.22
C TRP B 188 -30.74 -19.92 5.29
N ARG B 189 -32.05 -19.75 5.45
CA ARG B 189 -33.03 -20.41 4.61
C ARG B 189 -33.73 -19.38 3.72
N ALA B 190 -34.08 -19.81 2.52
CA ALA B 190 -34.63 -18.90 1.52
C ALA B 190 -36.10 -18.57 1.77
N GLU C 4 9.08 16.80 -12.07
CA GLU C 4 8.01 17.35 -12.90
C GLU C 4 7.71 16.45 -14.10
N HIS C 5 8.66 15.60 -14.48
CA HIS C 5 8.41 14.50 -15.41
C HIS C 5 9.47 13.43 -15.21
N VAL C 6 9.14 12.20 -15.62
CA VAL C 6 10.02 11.06 -15.40
C VAL C 6 9.88 10.06 -16.54
N ILE C 7 10.99 9.76 -17.21
CA ILE C 7 11.07 8.65 -18.16
C ILE C 7 11.90 7.56 -17.51
N ILE C 8 11.28 6.40 -17.29
CA ILE C 8 11.93 5.27 -16.64
C ILE C 8 12.04 4.12 -17.64
N GLN C 9 13.26 3.59 -17.79
CA GLN C 9 13.51 2.36 -18.53
C GLN C 9 13.73 1.27 -17.48
N ALA C 10 12.68 0.49 -17.21
CA ALA C 10 12.73 -0.54 -16.19
C ALA C 10 12.76 -1.91 -16.84
N GLU C 11 13.59 -2.80 -16.30
CA GLU C 11 13.73 -4.16 -16.79
C GLU C 11 13.99 -5.06 -15.59
N PHE C 12 13.67 -6.35 -15.76
CA PHE C 12 13.94 -7.29 -14.68
C PHE C 12 14.17 -8.68 -15.26
N TYR C 13 14.94 -9.49 -14.53
CA TYR C 13 15.00 -10.92 -14.75
C TYR C 13 14.65 -11.65 -13.47
N LEU C 14 13.94 -12.77 -13.61
CA LEU C 14 13.35 -13.48 -12.49
C LEU C 14 13.72 -14.95 -12.57
N ASN C 15 14.26 -15.49 -11.49
CA ASN C 15 14.59 -16.92 -11.43
C ASN C 15 13.88 -17.60 -10.26
N PRO C 16 13.59 -18.90 -10.41
CA PRO C 16 14.00 -19.70 -11.56
C PRO C 16 13.02 -19.62 -12.72
N ASP C 17 12.01 -18.76 -12.62
CA ASP C 17 10.95 -18.70 -13.63
C ASP C 17 11.49 -18.37 -15.01
N GLN C 18 12.74 -17.91 -15.12
CA GLN C 18 13.34 -17.59 -16.41
C GLN C 18 12.44 -16.64 -17.20
N SER C 19 12.01 -15.56 -16.55
CA SER C 19 11.12 -14.58 -17.14
C SER C 19 11.78 -13.21 -17.12
N GLY C 20 11.64 -12.47 -18.22
CA GLY C 20 12.24 -11.16 -18.34
C GLY C 20 11.27 -10.17 -18.93
N GLU C 21 11.55 -8.89 -18.68
CA GLU C 21 10.70 -7.83 -19.17
C GLU C 21 11.52 -6.57 -19.39
N PHE C 22 11.14 -5.81 -20.42
CA PHE C 22 11.81 -4.57 -20.79
C PHE C 22 10.75 -3.57 -21.21
N MET C 23 10.77 -2.38 -20.61
CA MET C 23 9.76 -1.40 -20.96
C MET C 23 10.25 0.00 -20.61
N PHE C 24 9.67 0.97 -21.28
CA PHE C 24 9.85 2.39 -20.98
C PHE C 24 8.59 2.94 -20.35
N ASP C 25 8.77 3.82 -19.38
CA ASP C 25 7.67 4.32 -18.56
C ASP C 25 7.77 5.82 -18.51
N PHE C 26 6.65 6.50 -18.78
CA PHE C 26 6.58 7.96 -18.74
C PHE C 26 5.51 8.40 -17.75
N ASP C 27 5.93 8.82 -16.57
CA ASP C 27 5.03 9.34 -15.54
C ASP C 27 4.10 8.28 -14.97
N GLY C 28 4.43 7.00 -15.14
CA GLY C 28 3.53 5.95 -14.70
C GLY C 28 3.02 5.12 -15.86
N ASP C 29 2.46 5.77 -16.87
CA ASP C 29 1.96 5.04 -18.03
C ASP C 29 3.12 4.49 -18.85
N GLU C 30 2.86 3.39 -19.53
CA GLU C 30 3.89 2.67 -20.27
C GLU C 30 3.95 3.16 -21.70
N ILE C 31 5.16 3.50 -22.16
CA ILE C 31 5.34 3.87 -23.56
C ILE C 31 5.36 2.63 -24.44
N PHE C 32 6.22 1.66 -24.09
CA PHE C 32 6.33 0.42 -24.84
C PHE C 32 7.01 -0.62 -23.96
N HIS C 33 6.80 -1.88 -24.31
CA HIS C 33 7.62 -2.97 -23.82
C HIS C 33 8.08 -3.80 -25.01
N VAL C 34 8.94 -4.77 -24.75
CA VAL C 34 9.50 -5.61 -25.80
C VAL C 34 9.04 -7.04 -25.55
N ASP C 35 8.34 -7.62 -26.51
CA ASP C 35 7.92 -9.01 -26.43
C ASP C 35 9.14 -9.91 -26.50
N MET C 36 9.37 -10.68 -25.43
CA MET C 36 10.54 -11.55 -25.40
C MET C 36 10.39 -12.70 -26.39
N ALA C 37 9.18 -13.21 -26.57
CA ALA C 37 8.96 -14.32 -27.49
C ALA C 37 9.22 -13.90 -28.93
N LYS C 38 8.64 -12.79 -29.36
CA LYS C 38 8.60 -12.40 -30.76
C LYS C 38 9.62 -11.34 -31.14
N LYS C 39 10.54 -11.00 -30.24
CA LYS C 39 11.64 -10.07 -30.53
C LYS C 39 11.14 -8.77 -31.17
N GLU C 40 9.97 -8.30 -30.73
CA GLU C 40 9.31 -7.16 -31.33
C GLU C 40 9.03 -6.06 -30.30
N THR C 41 9.11 -4.81 -30.76
CA THR C 41 8.70 -3.66 -29.95
C THR C 41 7.20 -3.49 -29.99
N VAL C 42 6.57 -3.41 -28.82
CA VAL C 42 5.11 -3.41 -28.71
C VAL C 42 4.70 -2.12 -28.00
N TRP C 43 4.20 -1.15 -28.77
CA TRP C 43 3.79 0.12 -28.21
C TRP C 43 2.46 -0.02 -27.48
N ARG C 44 2.34 0.69 -26.35
CA ARG C 44 1.13 0.66 -25.55
C ARG C 44 -0.06 1.27 -26.25
N LEU C 45 0.18 2.17 -27.21
CA LEU C 45 -0.86 2.70 -28.09
C LEU C 45 -0.39 2.59 -29.53
N GLU C 46 -1.29 2.20 -30.42
CA GLU C 46 -0.95 2.15 -31.84
C GLU C 46 -0.23 3.43 -32.26
N GLU C 47 -0.82 4.58 -31.93
CA GLU C 47 -0.27 5.88 -32.28
C GLU C 47 1.24 5.97 -32.10
N PHE C 48 1.74 5.57 -30.92
CA PHE C 48 3.15 5.77 -30.61
C PHE C 48 4.06 5.32 -31.76
N GLY C 49 3.73 4.19 -32.39
CA GLY C 49 4.51 3.69 -33.51
C GLY C 49 4.79 4.73 -34.57
N ARG C 50 3.87 5.68 -34.76
CA ARG C 50 4.05 6.68 -35.81
C ARG C 50 5.01 7.79 -35.41
N PHE C 51 5.16 8.06 -34.11
CA PHE C 51 6.01 9.15 -33.65
C PHE C 51 7.45 8.73 -33.42
N ALA C 52 7.69 7.47 -33.08
CA ALA C 52 9.02 7.04 -32.67
C ALA C 52 9.26 5.60 -33.11
N SER C 53 10.46 5.11 -32.80
CA SER C 53 10.85 3.74 -33.09
C SER C 53 11.85 3.29 -32.05
N PHE C 54 12.03 1.99 -31.95
CA PHE C 54 12.95 1.42 -30.97
C PHE C 54 13.45 0.06 -31.46
N GLU C 55 14.75 -0.15 -31.30
CA GLU C 55 15.41 -1.36 -31.81
C GLU C 55 15.36 -2.44 -30.74
N ALA C 56 14.43 -3.39 -30.90
CA ALA C 56 14.17 -4.37 -29.85
C ALA C 56 15.34 -5.29 -29.58
N GLN C 57 16.31 -5.39 -30.50
CA GLN C 57 17.42 -6.31 -30.29
C GLN C 57 18.40 -5.79 -29.24
N GLY C 58 18.37 -4.49 -28.93
CA GLY C 58 19.15 -4.01 -27.80
C GLY C 58 18.59 -4.47 -26.48
N ALA C 59 17.27 -4.69 -26.41
CA ALA C 59 16.65 -5.12 -25.16
C ALA C 59 16.97 -6.57 -24.84
N LEU C 60 16.78 -7.47 -25.82
CA LEU C 60 17.11 -8.88 -25.58
C LEU C 60 18.54 -9.05 -25.13
N ALA C 61 19.46 -8.22 -25.64
CA ALA C 61 20.85 -8.28 -25.20
C ALA C 61 20.99 -7.78 -23.76
N ASN C 62 20.16 -6.82 -23.35
CA ASN C 62 20.18 -6.38 -21.96
C ASN C 62 19.63 -7.46 -21.02
N ILE C 63 18.56 -8.14 -21.45
CA ILE C 63 17.98 -9.19 -20.62
C ILE C 63 19.00 -10.28 -20.33
N ALA C 64 19.83 -10.60 -21.33
CA ALA C 64 20.92 -11.55 -21.08
C ALA C 64 21.83 -11.06 -19.97
N VAL C 65 22.27 -9.80 -20.05
CA VAL C 65 23.13 -9.24 -19.01
C VAL C 65 22.45 -9.31 -17.65
N ASP C 66 21.13 -9.14 -17.62
CA ASP C 66 20.41 -9.18 -16.35
C ASP C 66 20.39 -10.60 -15.78
N LYS C 67 19.90 -11.57 -16.55
CA LYS C 67 20.00 -12.97 -16.15
C LYS C 67 21.40 -13.29 -15.65
N ALA C 68 22.41 -12.86 -16.41
CA ALA C 68 23.79 -12.98 -15.95
C ALA C 68 23.95 -12.37 -14.56
N ASN C 69 23.70 -11.06 -14.45
CA ASN C 69 23.87 -10.37 -13.18
C ASN C 69 23.02 -10.99 -12.08
N LEU C 70 21.80 -11.43 -12.42
CA LEU C 70 20.93 -12.03 -11.41
C LEU C 70 21.63 -13.20 -10.72
N GLU C 71 22.22 -14.09 -11.52
CA GLU C 71 22.85 -15.27 -10.93
C GLU C 71 24.11 -14.91 -10.16
N ILE C 72 24.94 -14.00 -10.70
CA ILE C 72 26.04 -13.46 -9.91
C ILE C 72 25.52 -12.91 -8.59
N MET C 73 24.44 -12.12 -8.66
CA MET C 73 23.89 -11.49 -7.46
C MET C 73 23.28 -12.53 -6.52
N THR C 74 22.53 -13.48 -7.08
CA THR C 74 21.99 -14.57 -6.26
C THR C 74 23.08 -15.24 -5.44
N LYS C 75 24.09 -15.79 -6.12
CA LYS C 75 25.23 -16.38 -5.42
C LYS C 75 25.77 -15.42 -4.36
N ARG C 76 26.08 -14.20 -4.75
CA ARG C 76 26.71 -13.24 -3.86
C ARG C 76 25.91 -13.01 -2.58
N SER C 77 24.66 -13.47 -2.56
CA SER C 77 23.74 -13.18 -1.46
C SER C 77 23.45 -14.39 -0.58
N ASN C 78 24.30 -15.42 -0.62
CA ASN C 78 23.99 -16.69 0.04
C ASN C 78 22.61 -17.19 -0.36
N TYR C 79 22.21 -16.88 -1.59
CA TYR C 79 20.95 -17.35 -2.16
C TYR C 79 19.75 -16.87 -1.36
N THR C 80 19.72 -15.57 -1.10
CA THR C 80 18.62 -14.95 -0.37
C THR C 80 17.43 -14.74 -1.29
N PRO C 81 16.31 -15.42 -1.07
CA PRO C 81 15.16 -15.31 -1.96
C PRO C 81 14.24 -14.16 -1.59
N ILE C 82 13.43 -13.74 -2.57
CA ILE C 82 12.56 -12.59 -2.36
C ILE C 82 11.44 -12.96 -1.40
N THR C 83 10.88 -11.93 -0.76
CA THR C 83 9.75 -12.07 0.16
C THR C 83 8.47 -11.67 -0.58
N ASN C 84 7.57 -12.63 -0.75
CA ASN C 84 6.34 -12.35 -1.48
C ASN C 84 5.57 -11.22 -0.82
N VAL C 85 5.05 -10.31 -1.66
CA VAL C 85 4.24 -9.19 -1.21
C VAL C 85 2.89 -9.25 -1.93
N PRO C 86 1.81 -9.61 -1.24
CA PRO C 86 0.55 -9.84 -1.96
C PRO C 86 0.00 -8.56 -2.53
N PRO C 87 -0.78 -8.64 -3.61
CA PRO C 87 -1.30 -7.43 -4.26
C PRO C 87 -2.55 -6.90 -3.58
N GLU C 88 -2.78 -5.60 -3.78
CA GLU C 88 -4.07 -4.99 -3.54
C GLU C 88 -4.85 -5.03 -4.84
N VAL C 89 -5.96 -5.74 -4.86
CA VAL C 89 -6.79 -5.84 -6.05
C VAL C 89 -7.94 -4.85 -5.95
N THR C 90 -8.34 -4.33 -7.10
CA THR C 90 -9.34 -3.28 -7.21
C THR C 90 -10.02 -3.43 -8.56
N VAL C 91 -11.33 -3.18 -8.61
CA VAL C 91 -12.07 -3.26 -9.87
C VAL C 91 -12.99 -2.05 -9.98
N LEU C 92 -13.19 -1.61 -11.23
CA LEU C 92 -13.96 -0.42 -11.52
C LEU C 92 -14.11 -0.31 -13.03
N THR C 93 -15.01 0.58 -13.45
CA THR C 93 -15.34 0.77 -14.85
C THR C 93 -14.49 1.88 -15.48
N ASN C 94 -14.38 1.83 -16.81
CA ASN C 94 -13.64 2.87 -17.51
C ASN C 94 -14.41 4.19 -17.47
N SER C 95 -15.69 4.15 -17.78
CA SER C 95 -16.57 5.31 -17.62
C SER C 95 -17.76 4.90 -16.75
N PRO C 96 -18.56 5.85 -16.27
CA PRO C 96 -19.77 5.49 -15.54
C PRO C 96 -20.67 4.58 -16.36
N VAL C 97 -21.41 3.72 -15.66
CA VAL C 97 -22.12 2.61 -16.28
C VAL C 97 -23.49 3.07 -16.77
N GLU C 98 -23.71 2.94 -18.08
CA GLU C 98 -25.03 3.10 -18.69
C GLU C 98 -25.50 1.74 -19.18
N LEU C 99 -26.73 1.38 -18.83
CA LEU C 99 -27.25 0.06 -19.11
C LEU C 99 -27.34 -0.17 -20.62
N ARG C 100 -26.85 -1.32 -21.08
CA ARG C 100 -26.79 -1.64 -22.51
C ARG C 100 -26.11 -0.50 -23.29
N GLU C 101 -24.93 -0.11 -22.81
CA GLU C 101 -24.01 0.80 -23.49
C GLU C 101 -22.62 0.25 -23.20
N PRO C 102 -21.79 0.07 -24.20
CA PRO C 102 -20.52 -0.64 -23.98
C PRO C 102 -19.64 0.09 -22.98
N ASN C 103 -18.97 -0.69 -22.14
CA ASN C 103 -18.10 -0.14 -21.10
C ASN C 103 -16.89 -1.08 -21.00
N VAL C 104 -16.07 -0.88 -19.97
CA VAL C 104 -14.90 -1.73 -19.79
C VAL C 104 -14.56 -1.81 -18.30
N LEU C 105 -14.44 -3.04 -17.80
CA LEU C 105 -14.08 -3.28 -16.40
C LEU C 105 -12.57 -3.38 -16.28
N ILE C 106 -11.99 -2.58 -15.38
CA ILE C 106 -10.56 -2.55 -15.14
C ILE C 106 -10.27 -3.29 -13.84
N CYS C 107 -9.33 -4.24 -13.89
CA CYS C 107 -8.83 -4.90 -12.70
C CYS C 107 -7.45 -4.35 -12.44
N PHE C 108 -7.34 -3.49 -11.42
CA PHE C 108 -6.09 -2.84 -11.06
C PHE C 108 -5.43 -3.62 -9.94
N ILE C 109 -4.34 -4.32 -10.27
CA ILE C 109 -3.56 -5.10 -9.31
C ILE C 109 -2.29 -4.32 -8.99
N ASP C 110 -2.02 -4.12 -7.70
CA ASP C 110 -1.04 -3.13 -7.30
C ASP C 110 -0.21 -3.61 -6.11
N LYS C 111 1.04 -3.14 -6.05
CA LYS C 111 1.86 -3.20 -4.83
C LYS C 111 2.36 -4.61 -4.51
N PHE C 112 2.78 -5.36 -5.52
CA PHE C 112 3.11 -6.76 -5.32
C PHE C 112 4.47 -7.11 -5.90
N THR C 113 5.03 -8.20 -5.40
CA THR C 113 6.28 -8.78 -5.90
C THR C 113 6.36 -10.22 -5.41
N PRO C 114 7.03 -11.11 -6.17
CA PRO C 114 7.68 -10.88 -7.47
C PRO C 114 6.67 -10.82 -8.62
N PRO C 115 7.10 -10.32 -9.78
CA PRO C 115 6.16 -10.14 -10.90
C PRO C 115 5.69 -11.45 -11.51
N VAL C 116 4.92 -12.23 -10.76
CA VAL C 116 4.24 -13.41 -11.29
C VAL C 116 2.81 -13.42 -10.75
N VAL C 117 1.86 -13.78 -11.60
CA VAL C 117 0.46 -13.70 -11.18
C VAL C 117 -0.44 -14.45 -12.16
N ASN C 118 -1.44 -15.16 -11.62
CA ASN C 118 -2.59 -15.62 -12.39
C ASN C 118 -3.68 -14.57 -12.22
N VAL C 119 -4.33 -14.19 -13.32
CA VAL C 119 -5.45 -13.24 -13.29
C VAL C 119 -6.54 -13.77 -14.20
N THR C 120 -7.76 -13.87 -13.67
CA THR C 120 -8.88 -14.47 -14.39
C THR C 120 -10.14 -13.63 -14.22
N TRP C 121 -10.83 -13.37 -15.32
CA TRP C 121 -12.13 -12.74 -15.29
C TRP C 121 -13.21 -13.81 -15.22
N LEU C 122 -14.27 -13.53 -14.47
CA LEU C 122 -15.35 -14.49 -14.27
C LEU C 122 -16.70 -13.77 -14.43
N ARG C 123 -17.42 -14.12 -15.49
CA ARG C 123 -18.80 -13.68 -15.69
C ARG C 123 -19.71 -14.76 -15.09
N ASN C 124 -20.33 -14.45 -13.95
CA ASN C 124 -21.14 -15.42 -13.22
C ASN C 124 -20.31 -16.64 -12.83
N GLY C 125 -19.15 -16.39 -12.24
CA GLY C 125 -18.28 -17.46 -11.78
C GLY C 125 -17.69 -18.32 -12.88
N LYS C 126 -18.01 -18.01 -14.14
CA LYS C 126 -17.42 -18.75 -15.25
C LYS C 126 -16.39 -17.89 -15.97
N PRO C 127 -15.22 -18.44 -16.31
CA PRO C 127 -14.16 -17.62 -16.91
C PRO C 127 -14.61 -16.97 -18.21
N VAL C 128 -14.28 -15.69 -18.35
CA VAL C 128 -14.49 -14.96 -19.60
C VAL C 128 -13.17 -15.07 -20.37
N THR C 129 -13.05 -16.16 -21.14
CA THR C 129 -11.77 -16.47 -21.78
C THR C 129 -11.35 -15.41 -22.79
N THR C 130 -12.30 -14.70 -23.38
CA THR C 130 -12.01 -13.92 -24.58
C THR C 130 -12.64 -12.55 -24.51
N GLY C 131 -12.08 -11.64 -25.31
CA GLY C 131 -12.42 -10.23 -25.30
C GLY C 131 -11.50 -9.37 -24.46
N VAL C 132 -10.48 -9.96 -23.87
CA VAL C 132 -9.81 -9.40 -22.70
C VAL C 132 -8.39 -8.98 -23.04
N SER C 133 -7.95 -7.90 -22.39
CA SER C 133 -6.61 -7.36 -22.56
C SER C 133 -5.92 -7.30 -21.21
N GLU C 134 -4.62 -7.58 -21.22
CA GLU C 134 -3.76 -7.43 -20.06
C GLU C 134 -2.68 -6.42 -20.39
N THR C 135 -2.24 -5.65 -19.39
CA THR C 135 -1.01 -4.92 -19.59
C THR C 135 0.16 -5.82 -19.23
N VAL C 136 1.23 -5.21 -18.76
CA VAL C 136 2.48 -5.87 -18.45
C VAL C 136 2.92 -5.36 -17.09
N PHE C 137 3.91 -6.00 -16.50
CA PHE C 137 4.27 -5.66 -15.12
C PHE C 137 4.91 -4.27 -15.10
N LEU C 138 4.13 -3.28 -14.62
CA LEU C 138 4.62 -1.91 -14.51
C LEU C 138 5.40 -1.74 -13.21
N PRO C 139 6.42 -0.91 -13.21
CA PRO C 139 7.17 -0.66 -11.97
C PRO C 139 6.42 0.31 -11.05
N ARG C 140 6.89 0.35 -9.81
CA ARG C 140 6.49 1.35 -8.83
C ARG C 140 7.74 1.76 -8.07
N GLU C 141 7.78 3.02 -7.63
CA GLU C 141 9.04 3.55 -7.11
C GLU C 141 9.61 2.68 -6.00
N ASP C 142 8.75 2.20 -5.10
CA ASP C 142 9.22 1.28 -4.07
C ASP C 142 9.53 -0.08 -4.66
N HIS C 143 10.14 -0.09 -5.85
CA HIS C 143 10.53 -1.29 -6.58
C HIS C 143 9.53 -2.44 -6.47
N LEU C 144 8.25 -2.14 -6.28
CA LEU C 144 7.20 -3.14 -6.35
C LEU C 144 6.63 -3.21 -7.76
N PHE C 145 5.36 -3.63 -7.90
CA PHE C 145 4.79 -3.75 -9.23
C PHE C 145 3.30 -3.45 -9.20
N ARG C 146 2.76 -3.16 -10.38
CA ARG C 146 1.34 -3.12 -10.62
C ARG C 146 1.09 -3.69 -12.01
N LYS C 147 -0.18 -3.85 -12.36
CA LYS C 147 -0.60 -4.45 -13.62
C LYS C 147 -2.08 -4.13 -13.80
N PHE C 148 -2.53 -4.16 -15.04
CA PHE C 148 -3.92 -3.89 -15.37
C PHE C 148 -4.46 -5.04 -16.20
N HIS C 149 -5.74 -5.37 -15.98
CA HIS C 149 -6.46 -6.28 -16.84
C HIS C 149 -7.80 -5.66 -17.18
N TYR C 150 -8.20 -5.78 -18.44
CA TYR C 150 -9.40 -5.13 -18.95
C TYR C 150 -10.34 -6.17 -19.55
N LEU C 151 -11.63 -5.94 -19.39
CA LEU C 151 -12.67 -6.83 -19.91
C LEU C 151 -13.81 -5.98 -20.45
N PRO C 152 -13.91 -5.82 -21.77
CA PRO C 152 -15.03 -5.07 -22.34
C PRO C 152 -16.31 -5.85 -22.10
N PHE C 153 -17.31 -5.18 -21.53
CA PHE C 153 -18.56 -5.85 -21.19
C PHE C 153 -19.74 -4.97 -21.59
N LEU C 154 -20.86 -5.62 -21.87
CA LEU C 154 -22.12 -4.94 -22.06
C LEU C 154 -22.89 -4.99 -20.74
N PRO C 155 -23.13 -3.84 -20.10
CA PRO C 155 -23.75 -3.88 -18.77
C PRO C 155 -25.19 -4.38 -18.83
N SER C 156 -25.52 -5.28 -17.91
CA SER C 156 -26.90 -5.66 -17.63
C SER C 156 -27.01 -5.89 -16.12
N THR C 157 -28.22 -6.17 -15.66
CA THR C 157 -28.43 -6.47 -14.26
C THR C 157 -28.41 -7.97 -13.96
N GLU C 158 -28.48 -8.80 -14.99
CA GLU C 158 -28.41 -10.25 -14.82
C GLU C 158 -26.99 -10.73 -14.54
N ASP C 159 -25.99 -10.01 -15.02
CA ASP C 159 -24.60 -10.45 -14.95
C ASP C 159 -23.92 -9.94 -13.68
N VAL C 160 -23.04 -10.79 -13.13
CA VAL C 160 -22.11 -10.40 -12.08
C VAL C 160 -20.72 -10.88 -12.48
N TYR C 161 -19.73 -10.02 -12.32
CA TYR C 161 -18.36 -10.32 -12.71
C TYR C 161 -17.47 -10.36 -11.48
N ASP C 162 -16.38 -11.13 -11.57
CA ASP C 162 -15.33 -11.14 -10.57
C ASP C 162 -13.97 -11.11 -11.27
N CYS C 163 -12.98 -10.58 -10.56
CA CYS C 163 -11.58 -10.68 -10.96
C CYS C 163 -10.88 -11.58 -9.96
N ARG C 164 -10.34 -12.70 -10.44
CA ARG C 164 -9.70 -13.68 -9.58
C ARG C 164 -8.18 -13.60 -9.75
N VAL C 165 -7.49 -13.39 -8.63
CA VAL C 165 -6.07 -13.07 -8.61
C VAL C 165 -5.35 -14.04 -7.70
N GLU C 166 -4.45 -14.85 -8.26
CA GLU C 166 -3.57 -15.72 -7.49
C GLU C 166 -2.19 -15.09 -7.41
N HIS C 167 -1.60 -15.13 -6.22
CA HIS C 167 -0.23 -14.65 -6.01
C HIS C 167 0.38 -15.36 -4.81
N TRP C 168 1.68 -15.62 -4.89
CA TRP C 168 2.40 -16.43 -3.90
C TRP C 168 2.40 -15.76 -2.52
N GLY C 169 1.96 -14.51 -2.45
CA GLY C 169 1.76 -13.82 -1.20
C GLY C 169 0.37 -13.98 -0.62
N LEU C 170 -0.56 -14.55 -1.38
CA LEU C 170 -1.93 -14.74 -0.94
C LEU C 170 -2.12 -16.15 -0.40
N ASP C 171 -2.94 -16.27 0.64
CA ASP C 171 -3.29 -17.57 1.18
C ASP C 171 -4.30 -18.24 0.26
N GLU C 172 -5.50 -17.74 0.23
CA GLU C 172 -6.54 -18.16 -0.69
C GLU C 172 -6.59 -17.23 -1.90
N PRO C 173 -6.81 -17.76 -3.10
CA PRO C 173 -7.01 -16.90 -4.26
C PRO C 173 -8.04 -15.79 -4.03
N LEU C 174 -7.61 -14.56 -4.28
CA LEU C 174 -8.40 -13.37 -3.95
C LEU C 174 -9.37 -13.03 -5.07
N LEU C 175 -10.60 -12.68 -4.68
CA LEU C 175 -11.65 -12.29 -5.60
C LEU C 175 -12.18 -10.91 -5.23
N LYS C 176 -12.17 -10.00 -6.19
CA LYS C 176 -12.85 -8.73 -6.06
C LYS C 176 -14.06 -8.71 -6.99
N HIS C 177 -15.17 -8.20 -6.47
CA HIS C 177 -16.49 -8.39 -7.04
C HIS C 177 -17.02 -7.09 -7.62
N TRP C 178 -17.56 -7.16 -8.83
CA TRP C 178 -18.26 -6.02 -9.43
C TRP C 178 -19.60 -6.49 -9.98
N GLU C 179 -20.60 -5.63 -9.86
CA GLU C 179 -21.95 -5.95 -10.27
C GLU C 179 -22.78 -4.67 -10.24
N PHE C 180 -23.64 -4.50 -11.24
CA PHE C 180 -24.35 -3.25 -11.46
C PHE C 180 -25.78 -3.33 -10.94
N ASP C 181 -26.18 -2.36 -10.12
CA ASP C 181 -27.55 -2.30 -9.61
C ASP C 181 -27.94 -0.88 -9.21
N ASP D 2 3.44 -23.09 -5.82
CA ASP D 2 4.87 -23.29 -6.02
C ASP D 2 5.65 -22.74 -4.83
N THR D 3 6.51 -23.56 -4.23
CA THR D 3 7.24 -23.18 -3.03
C THR D 3 8.75 -23.21 -3.23
N ARG D 4 9.23 -23.21 -4.47
CA ARG D 4 10.61 -22.86 -4.73
C ARG D 4 10.83 -21.39 -4.42
N PRO D 5 12.05 -21.00 -4.04
CA PRO D 5 12.32 -19.57 -3.83
C PRO D 5 12.60 -18.84 -5.14
N ARG D 6 12.34 -17.54 -5.12
CA ARG D 6 12.46 -16.67 -6.29
C ARG D 6 13.53 -15.61 -6.06
N PHE D 7 14.15 -15.18 -7.15
CA PHE D 7 15.25 -14.21 -7.10
C PHE D 7 15.07 -13.19 -8.20
N LEU D 8 15.13 -11.90 -7.84
CA LEU D 8 14.76 -10.82 -8.72
C LEU D 8 15.93 -9.85 -8.90
N TRP D 9 16.30 -9.60 -10.15
CA TRP D 9 17.25 -8.55 -10.50
C TRP D 9 16.51 -7.54 -11.38
N GLN D 10 16.52 -6.28 -10.97
CA GLN D 10 15.68 -5.25 -11.58
C GLN D 10 16.45 -3.94 -11.68
N PRO D 11 17.11 -3.69 -12.81
CA PRO D 11 17.77 -2.40 -13.02
C PRO D 11 16.78 -1.37 -13.51
N LYS D 12 16.82 -0.17 -12.92
CA LYS D 12 15.89 0.90 -13.25
C LYS D 12 16.68 2.16 -13.60
N ARG D 13 16.50 2.66 -14.83
CA ARG D 13 17.20 3.85 -15.32
C ARG D 13 16.21 5.01 -15.37
N GLU D 14 16.42 6.01 -14.53
CA GLU D 14 15.46 7.09 -14.32
C GLU D 14 15.97 8.41 -14.91
N CYS D 15 15.06 9.13 -15.57
CA CYS D 15 15.31 10.43 -16.18
C CYS D 15 14.32 11.43 -15.60
N HIS D 16 14.79 12.30 -14.70
CA HIS D 16 13.95 13.29 -14.04
C HIS D 16 14.19 14.67 -14.68
N PHE D 17 13.11 15.30 -15.15
CA PHE D 17 13.19 16.60 -15.82
C PHE D 17 12.44 17.65 -15.02
N PHE D 18 12.98 18.87 -15.01
CA PHE D 18 12.39 20.02 -14.35
C PHE D 18 12.47 21.22 -15.28
N ASN D 19 11.45 22.08 -15.24
CA ASN D 19 11.38 23.27 -16.08
C ASN D 19 11.53 22.96 -17.56
N GLY D 20 11.21 21.74 -17.98
CA GLY D 20 11.52 21.28 -19.32
C GLY D 20 12.73 20.35 -19.28
N THR D 21 13.74 20.64 -20.08
CA THR D 21 15.05 20.01 -19.92
C THR D 21 16.05 20.96 -19.25
N GLU D 22 15.55 22.01 -18.59
CA GLU D 22 16.44 22.99 -17.98
C GLU D 22 17.36 22.35 -16.96
N ARG D 23 16.78 21.65 -15.98
CA ARG D 23 17.54 20.86 -15.02
C ARG D 23 17.13 19.41 -15.18
N VAL D 24 18.12 18.51 -15.29
CA VAL D 24 17.86 17.11 -15.62
C VAL D 24 18.73 16.21 -14.74
N ARG D 25 18.12 15.16 -14.19
CA ARG D 25 18.78 14.22 -13.31
C ARG D 25 18.54 12.79 -13.81
N PHE D 26 19.59 11.98 -13.75
CA PHE D 26 19.57 10.61 -14.24
C PHE D 26 20.08 9.69 -13.15
N LEU D 27 19.37 8.59 -12.93
CA LEU D 27 19.77 7.57 -11.97
C LEU D 27 19.86 6.21 -12.65
N ASP D 28 20.89 5.46 -12.29
CA ASP D 28 21.01 4.05 -12.66
C ASP D 28 20.91 3.27 -11.35
N ARG D 29 19.79 2.61 -11.14
CA ARG D 29 19.49 1.94 -9.88
C ARG D 29 19.31 0.45 -10.11
N TYR D 30 19.93 -0.34 -9.23
CA TYR D 30 19.96 -1.79 -9.36
C TYR D 30 19.36 -2.40 -8.09
N PHE D 31 18.20 -3.01 -8.23
CA PHE D 31 17.51 -3.65 -7.13
C PHE D 31 17.67 -5.16 -7.23
N TYR D 32 18.13 -5.78 -6.15
CA TYR D 32 18.09 -7.22 -5.99
C TYR D 32 16.94 -7.56 -5.06
N ASN D 33 16.09 -8.49 -5.48
CA ASN D 33 14.85 -8.76 -4.79
C ASN D 33 14.16 -7.44 -4.46
N GLN D 34 14.17 -7.00 -3.21
CA GLN D 34 13.62 -5.70 -2.89
C GLN D 34 14.60 -4.90 -2.06
N GLU D 35 15.82 -4.76 -2.58
CA GLU D 35 16.86 -3.96 -1.95
C GLU D 35 17.71 -3.32 -3.02
N GLU D 36 17.73 -1.99 -3.07
CA GLU D 36 18.66 -1.28 -3.93
C GLU D 36 20.09 -1.65 -3.53
N SER D 37 20.82 -2.26 -4.45
CA SER D 37 22.18 -2.69 -4.14
C SER D 37 23.21 -1.61 -4.47
N VAL D 38 23.14 -1.02 -5.66
CA VAL D 38 24.07 0.02 -6.09
C VAL D 38 23.32 1.01 -6.96
N ARG D 39 23.91 2.21 -7.11
CA ARG D 39 23.23 3.29 -7.82
C ARG D 39 24.24 4.34 -8.27
N PHE D 40 24.08 4.80 -9.51
CA PHE D 40 24.76 5.99 -10.01
C PHE D 40 23.79 7.15 -10.00
N ASP D 41 24.23 8.27 -9.42
CA ASP D 41 23.44 9.50 -9.37
C ASP D 41 24.16 10.57 -10.18
N SER D 42 23.51 11.06 -11.24
CA SER D 42 24.11 12.09 -12.06
C SER D 42 24.42 13.37 -11.29
N ASP D 43 23.90 13.50 -10.07
CA ASP D 43 24.27 14.60 -9.19
C ASP D 43 25.41 14.24 -8.25
N VAL D 44 26.17 13.19 -8.56
CA VAL D 44 27.22 12.72 -7.66
C VAL D 44 28.38 12.13 -8.46
N GLY D 45 28.21 12.02 -9.78
CA GLY D 45 29.29 11.64 -10.66
C GLY D 45 29.93 10.29 -10.44
N GLU D 46 29.45 9.49 -9.49
CA GLU D 46 30.02 8.18 -9.28
C GLU D 46 28.98 7.21 -8.73
N PHE D 47 29.13 5.94 -9.10
CA PHE D 47 28.37 4.86 -8.48
C PHE D 47 28.71 4.77 -7.00
N ARG D 48 27.70 4.73 -6.15
CA ARG D 48 27.86 4.38 -4.75
C ARG D 48 26.99 3.18 -4.42
N ALA D 49 27.42 2.42 -3.42
CA ALA D 49 26.68 1.25 -2.97
C ALA D 49 25.61 1.69 -1.98
N VAL D 50 24.39 1.16 -2.15
CA VAL D 50 23.30 1.47 -1.25
C VAL D 50 23.31 0.45 -0.11
N THR D 51 23.24 -0.83 -0.46
CA THR D 51 23.45 -1.91 0.50
C THR D 51 24.81 -2.55 0.25
N GLU D 52 25.50 -2.88 1.34
CA GLU D 52 26.85 -3.42 1.29
C GLU D 52 27.02 -4.57 0.31
N LEU D 53 25.92 -5.04 -0.28
CA LEU D 53 26.02 -6.11 -1.27
C LEU D 53 26.64 -5.60 -2.57
N GLY D 54 26.27 -4.39 -2.98
CA GLY D 54 26.82 -3.79 -4.18
C GLY D 54 28.03 -2.93 -3.87
N ARG D 55 28.69 -3.20 -2.74
CA ARG D 55 29.97 -2.57 -2.46
C ARG D 55 31.01 -2.89 -3.51
N PRO D 56 31.13 -4.13 -4.01
CA PRO D 56 32.06 -4.41 -5.11
C PRO D 56 31.72 -3.65 -6.38
N ASP D 57 30.50 -3.84 -6.88
CA ASP D 57 30.10 -3.25 -8.16
C ASP D 57 30.40 -1.75 -8.20
N ALA D 58 30.25 -1.05 -7.08
CA ALA D 58 30.52 0.37 -7.04
C ALA D 58 32.01 0.69 -7.08
N GLU D 59 32.87 -0.31 -6.99
CA GLU D 59 34.31 -0.12 -7.11
C GLU D 59 34.86 -0.60 -8.44
N TYR D 60 34.53 -1.83 -8.85
CA TYR D 60 34.94 -2.31 -10.17
C TYR D 60 34.46 -1.37 -11.26
N TRP D 61 33.31 -0.72 -11.06
CA TRP D 61 32.80 0.21 -12.06
C TRP D 61 33.48 1.57 -11.96
N ASN D 62 33.58 2.11 -10.74
CA ASN D 62 34.18 3.43 -10.56
C ASN D 62 35.63 3.50 -11.06
N SER D 63 36.27 2.35 -11.30
CA SER D 63 37.65 2.31 -11.78
C SER D 63 37.73 1.96 -13.26
N GLN D 64 36.65 2.17 -14.01
CA GLN D 64 36.62 1.96 -15.45
C GLN D 64 36.21 3.28 -16.09
N LYS D 65 37.20 4.11 -16.40
CA LYS D 65 36.96 5.43 -16.98
C LYS D 65 35.93 5.35 -18.11
N ASP D 66 35.85 4.20 -18.78
CA ASP D 66 34.83 3.98 -19.79
C ASP D 66 33.43 4.14 -19.23
N ILE D 67 33.12 3.39 -18.16
CA ILE D 67 31.76 3.36 -17.64
C ILE D 67 31.38 4.71 -17.03
N LEU D 68 32.34 5.39 -16.39
CA LEU D 68 32.04 6.67 -15.76
C LEU D 68 31.66 7.73 -16.79
N GLU D 69 32.43 7.82 -17.89
CA GLU D 69 32.13 8.84 -18.89
C GLU D 69 30.78 8.59 -19.54
N GLN D 70 30.51 7.34 -19.92
CA GLN D 70 29.17 7.00 -20.40
C GLN D 70 28.12 7.35 -19.35
N ALA D 71 28.45 7.18 -18.07
CA ALA D 71 27.51 7.46 -17.00
C ALA D 71 27.21 8.95 -16.91
N ARG D 72 28.25 9.77 -16.72
CA ARG D 72 28.05 11.22 -16.63
C ARG D 72 27.45 11.77 -17.92
N ALA D 73 27.89 11.26 -19.06
CA ALA D 73 27.37 11.69 -20.35
C ALA D 73 26.14 10.88 -20.74
N ALA D 74 25.20 10.76 -19.80
CA ALA D 74 23.94 10.08 -20.04
C ALA D 74 22.79 11.04 -19.77
N VAL D 75 23.03 12.01 -18.89
CA VAL D 75 22.11 13.13 -18.70
C VAL D 75 21.83 13.81 -20.03
N ASP D 76 22.81 13.76 -20.95
CA ASP D 76 22.68 14.38 -22.26
C ASP D 76 22.46 13.37 -23.38
N THR D 77 23.34 12.37 -23.50
CA THR D 77 23.20 11.42 -24.59
C THR D 77 22.04 10.45 -24.39
N TYR D 78 21.38 10.48 -23.22
CA TYR D 78 20.32 9.53 -22.93
C TYR D 78 19.01 10.21 -22.55
N CYS D 79 19.00 11.04 -21.51
CA CYS D 79 17.74 11.60 -21.03
C CYS D 79 17.23 12.71 -21.96
N ARG D 80 18.09 13.65 -22.32
CA ARG D 80 17.64 14.74 -23.19
C ARG D 80 17.28 14.21 -24.58
N HIS D 81 18.05 13.25 -25.10
CA HIS D 81 17.69 12.65 -26.39
C HIS D 81 16.30 12.04 -26.33
N ASN D 82 16.04 11.21 -25.31
CA ASN D 82 14.75 10.54 -25.23
C ASN D 82 13.62 11.54 -24.96
N TYR D 83 13.87 12.54 -24.11
CA TYR D 83 12.87 13.58 -23.92
C TYR D 83 12.52 14.22 -25.25
N GLY D 84 13.52 14.48 -26.09
CA GLY D 84 13.28 15.04 -27.40
C GLY D 84 12.40 14.20 -28.28
N VAL D 85 12.45 12.89 -28.12
CA VAL D 85 11.69 11.98 -28.99
C VAL D 85 10.25 11.83 -28.53
N GLY D 86 10.05 11.41 -27.28
CA GLY D 86 8.72 11.18 -26.76
C GLY D 86 7.93 12.44 -26.47
N GLU D 87 8.62 13.56 -26.26
CA GLU D 87 7.96 14.77 -25.77
C GLU D 87 6.72 15.11 -26.59
N SER D 88 6.82 15.03 -27.92
CA SER D 88 5.74 15.49 -28.77
C SER D 88 4.43 14.74 -28.53
N PHE D 89 4.48 13.55 -27.94
CA PHE D 89 3.26 12.77 -27.71
C PHE D 89 3.04 12.35 -26.26
N THR D 90 3.87 12.80 -25.32
CA THR D 90 3.65 12.54 -23.90
C THR D 90 3.48 13.85 -23.14
N VAL D 91 4.53 14.67 -23.06
CA VAL D 91 4.38 16.01 -22.49
C VAL D 91 3.26 16.76 -23.19
N GLN D 92 3.28 16.77 -24.53
CA GLN D 92 2.30 17.53 -25.31
C GLN D 92 0.91 16.93 -25.28
N ARG D 93 0.75 15.69 -24.84
CA ARG D 93 -0.52 14.98 -24.96
C ARG D 93 -1.64 15.72 -24.22
N ARG D 94 -2.78 15.88 -24.90
CA ARG D 94 -3.95 16.52 -24.33
C ARG D 94 -5.19 15.74 -24.74
N VAL D 95 -5.94 15.23 -23.76
CA VAL D 95 -7.18 14.49 -24.02
C VAL D 95 -8.26 15.06 -23.10
N GLN D 96 -9.36 15.51 -23.69
CA GLN D 96 -10.39 16.21 -22.94
C GLN D 96 -11.19 15.24 -22.09
N PRO D 97 -11.54 15.62 -20.85
CA PRO D 97 -12.37 14.75 -20.03
C PRO D 97 -13.81 14.71 -20.52
N LYS D 98 -14.44 13.58 -20.28
CA LYS D 98 -15.89 13.42 -20.39
C LYS D 98 -16.47 13.59 -18.99
N VAL D 99 -17.47 14.46 -18.85
CA VAL D 99 -17.98 14.85 -17.54
C VAL D 99 -19.45 14.45 -17.43
N THR D 100 -19.74 13.50 -16.54
CA THR D 100 -21.10 13.05 -16.26
C THR D 100 -21.46 13.43 -14.83
N VAL D 101 -22.72 13.83 -14.62
CA VAL D 101 -23.23 14.20 -13.29
C VAL D 101 -24.50 13.42 -13.03
N TYR D 102 -24.54 12.71 -11.90
CA TYR D 102 -25.70 11.89 -11.57
C TYR D 102 -25.84 11.78 -10.06
N PRO D 103 -27.05 11.63 -9.55
CA PRO D 103 -27.25 11.42 -8.11
C PRO D 103 -26.89 9.99 -7.72
N SER D 104 -26.08 9.86 -6.66
CA SER D 104 -25.56 8.56 -6.26
C SER D 104 -26.67 7.54 -6.07
N LYS D 105 -27.56 7.81 -5.12
CA LYS D 105 -28.72 6.95 -4.88
C LYS D 105 -29.99 7.67 -5.31
N THR D 106 -30.91 6.93 -5.91
CA THR D 106 -32.18 7.50 -6.35
C THR D 106 -33.20 7.38 -5.23
N GLN D 107 -33.50 8.53 -4.60
CA GLN D 107 -34.47 8.62 -3.51
C GLN D 107 -35.45 9.74 -3.81
N PRO D 108 -36.35 10.07 -2.90
CA PRO D 108 -37.07 11.33 -2.99
C PRO D 108 -36.18 12.50 -2.60
N LEU D 109 -36.57 13.68 -3.07
CA LEU D 109 -35.90 14.90 -2.65
C LEU D 109 -36.00 15.06 -1.13
N GLN D 110 -35.23 16.00 -0.59
CA GLN D 110 -35.29 16.44 0.79
C GLN D 110 -34.64 15.46 1.76
N HIS D 111 -33.97 14.42 1.28
CA HIS D 111 -33.21 13.52 2.13
C HIS D 111 -31.79 13.45 1.63
N HIS D 112 -30.84 13.41 2.57
CA HIS D 112 -29.43 13.51 2.21
C HIS D 112 -29.09 12.56 1.07
N ASN D 113 -28.18 13.00 0.21
CA ASN D 113 -27.84 12.26 -1.00
C ASN D 113 -26.41 12.61 -1.37
N LEU D 114 -25.86 11.86 -2.31
CA LEU D 114 -24.50 12.08 -2.81
C LEU D 114 -24.57 12.44 -4.28
N LEU D 115 -24.16 13.66 -4.61
CA LEU D 115 -24.12 14.13 -5.99
C LEU D 115 -22.75 13.79 -6.58
N VAL D 116 -22.75 13.14 -7.73
CA VAL D 116 -21.55 12.55 -8.29
C VAL D 116 -21.16 13.30 -9.56
N CYS D 117 -19.93 13.78 -9.60
CA CYS D 117 -19.31 14.25 -10.84
C CYS D 117 -18.28 13.19 -11.25
N SER D 118 -18.52 12.56 -12.39
CA SER D 118 -17.65 11.51 -12.92
C SER D 118 -16.89 12.08 -14.09
N VAL D 119 -15.61 12.33 -13.89
CA VAL D 119 -14.72 12.91 -14.91
C VAL D 119 -13.84 11.78 -15.42
N SER D 120 -14.15 11.24 -16.60
CA SER D 120 -13.48 10.06 -17.10
C SER D 120 -12.69 10.36 -18.37
N GLY D 121 -11.64 9.58 -18.58
CA GLY D 121 -10.90 9.52 -19.84
C GLY D 121 -10.17 10.77 -20.28
N PHE D 122 -9.35 11.35 -19.42
CA PHE D 122 -8.66 12.59 -19.73
C PHE D 122 -7.17 12.46 -19.48
N TYR D 123 -6.41 13.38 -20.09
CA TYR D 123 -4.96 13.44 -19.95
C TYR D 123 -4.48 14.86 -20.24
N PRO D 124 -3.49 15.35 -19.47
CA PRO D 124 -2.82 14.65 -18.38
C PRO D 124 -3.59 14.68 -17.06
N GLY D 125 -2.89 14.41 -15.96
CA GLY D 125 -3.57 14.19 -14.69
C GLY D 125 -4.02 15.46 -14.00
N SER D 126 -3.33 16.57 -14.24
CA SER D 126 -3.67 17.82 -13.57
C SER D 126 -5.10 18.24 -13.90
N ILE D 127 -5.90 18.47 -12.85
CA ILE D 127 -7.33 18.67 -13.04
C ILE D 127 -7.88 19.41 -11.82
N GLU D 128 -8.93 20.21 -12.05
CA GLU D 128 -9.63 20.92 -11.00
C GLU D 128 -11.12 20.63 -11.12
N VAL D 129 -11.75 20.26 -10.02
CA VAL D 129 -13.17 19.98 -9.97
C VAL D 129 -13.80 20.87 -8.91
N ARG D 130 -14.85 21.59 -9.30
CA ARG D 130 -15.56 22.50 -8.40
C ARG D 130 -17.05 22.23 -8.52
N TRP D 131 -17.77 22.45 -7.42
CA TRP D 131 -19.21 22.24 -7.36
C TRP D 131 -19.89 23.56 -7.09
N PHE D 132 -21.03 23.79 -7.75
CA PHE D 132 -21.80 25.01 -7.59
C PHE D 132 -23.24 24.65 -7.25
N LEU D 133 -23.82 25.39 -6.30
CA LEU D 133 -25.25 25.30 -6.01
C LEU D 133 -25.86 26.69 -6.23
N ASN D 134 -26.71 26.80 -7.25
CA ASN D 134 -27.34 28.07 -7.57
C ASN D 134 -26.29 29.13 -7.91
N GLY D 135 -25.30 28.73 -8.71
CA GLY D 135 -24.29 29.66 -9.19
C GLY D 135 -23.26 30.10 -8.17
N GLN D 136 -23.34 29.61 -6.93
CA GLN D 136 -22.34 29.90 -5.90
C GLN D 136 -21.53 28.64 -5.63
N GLU D 137 -20.20 28.77 -5.65
CA GLU D 137 -19.35 27.61 -5.45
C GLU D 137 -19.44 27.14 -4.01
N GLU D 138 -19.44 25.82 -3.84
CA GLU D 138 -19.45 25.20 -2.51
C GLU D 138 -18.05 24.64 -2.22
N LYS D 139 -17.39 25.19 -1.21
CA LYS D 139 -16.09 24.67 -0.81
C LYS D 139 -16.18 23.97 0.53
N ALA D 140 -16.98 22.91 0.60
CA ALA D 140 -17.05 22.03 1.76
C ALA D 140 -18.02 20.91 1.47
N GLY D 141 -17.81 19.75 2.09
CA GLY D 141 -18.68 18.62 1.84
C GLY D 141 -18.46 17.95 0.51
N MET D 142 -17.24 17.99 -0.02
CA MET D 142 -16.90 17.27 -1.23
C MET D 142 -15.93 16.16 -0.88
N VAL D 143 -16.17 14.99 -1.45
CA VAL D 143 -15.36 13.80 -1.21
C VAL D 143 -14.85 13.34 -2.57
N SER D 144 -13.60 13.65 -2.86
CA SER D 144 -12.97 13.25 -4.12
C SER D 144 -12.30 11.89 -3.95
N THR D 145 -12.27 11.14 -5.04
CA THR D 145 -11.54 9.88 -5.08
C THR D 145 -10.07 10.07 -5.41
N GLY D 146 -9.64 11.31 -5.60
CA GLY D 146 -8.31 11.55 -6.12
C GLY D 146 -8.19 11.11 -7.56
N LEU D 147 -6.94 10.98 -7.99
CA LEU D 147 -6.63 10.67 -9.38
C LEU D 147 -6.46 9.16 -9.56
N ILE D 148 -7.08 8.62 -10.59
CA ILE D 148 -7.04 7.18 -10.89
C ILE D 148 -6.45 6.99 -12.28
N GLN D 149 -5.33 6.28 -12.35
CA GLN D 149 -4.68 5.96 -13.62
C GLN D 149 -5.33 4.71 -14.19
N ASN D 150 -6.02 4.86 -15.32
CA ASN D 150 -6.66 3.72 -15.99
C ASN D 150 -5.67 2.77 -16.63
N GLY D 151 -4.38 3.11 -16.65
CA GLY D 151 -3.36 2.28 -17.25
C GLY D 151 -3.16 2.49 -18.75
N ASP D 152 -4.11 3.14 -19.42
CA ASP D 152 -4.07 3.29 -20.87
C ASP D 152 -3.81 4.73 -21.29
N TRP D 153 -3.16 5.52 -20.44
CA TRP D 153 -2.90 6.93 -20.73
C TRP D 153 -4.17 7.77 -20.67
N THR D 154 -5.11 7.38 -19.82
CA THR D 154 -6.15 8.29 -19.36
C THR D 154 -6.20 8.25 -17.84
N PHE D 155 -6.91 9.22 -17.28
CA PHE D 155 -7.21 9.23 -15.87
C PHE D 155 -8.71 9.32 -15.71
N GLN D 156 -9.18 9.01 -14.51
CA GLN D 156 -10.53 9.37 -14.13
C GLN D 156 -10.50 9.80 -12.67
N THR D 157 -11.59 10.45 -12.28
CA THR D 157 -11.72 10.99 -10.93
C THR D 157 -13.20 11.21 -10.68
N LEU D 158 -13.60 11.03 -9.43
CA LEU D 158 -14.98 11.24 -9.01
C LEU D 158 -15.00 12.19 -7.82
N VAL D 159 -15.83 13.21 -7.90
CA VAL D 159 -16.00 14.17 -6.82
C VAL D 159 -17.46 14.18 -6.43
N MET D 160 -17.74 13.80 -5.19
CA MET D 160 -19.09 13.67 -4.69
C MET D 160 -19.40 14.83 -3.75
N LEU D 161 -20.52 15.50 -4.01
CA LEU D 161 -21.01 16.56 -3.13
C LEU D 161 -22.02 15.97 -2.15
N GLU D 162 -21.79 16.21 -0.86
CA GLU D 162 -22.79 15.91 0.15
C GLU D 162 -23.85 16.99 0.12
N THR D 163 -25.10 16.62 -0.12
CA THR D 163 -26.15 17.61 -0.23
C THR D 163 -27.50 17.01 0.15
N VAL D 164 -28.41 17.89 0.55
CA VAL D 164 -29.81 17.54 0.78
C VAL D 164 -30.66 18.28 -0.26
N PRO D 165 -30.85 17.72 -1.43
CA PRO D 165 -31.51 18.46 -2.52
C PRO D 165 -32.95 18.84 -2.19
N ARG D 166 -33.31 20.06 -2.52
CA ARG D 166 -34.68 20.53 -2.52
C ARG D 166 -35.08 20.92 -3.94
N SER D 167 -36.39 21.04 -4.16
CA SER D 167 -36.89 21.27 -5.50
C SER D 167 -36.35 22.58 -6.07
N GLY D 168 -36.05 22.57 -7.37
CA GLY D 168 -35.66 23.77 -8.07
C GLY D 168 -34.21 24.19 -7.91
N GLU D 169 -33.45 23.54 -7.04
CA GLU D 169 -32.02 23.83 -6.94
C GLU D 169 -31.31 23.29 -8.18
N VAL D 170 -30.19 23.93 -8.52
CA VAL D 170 -29.37 23.53 -9.67
C VAL D 170 -27.93 23.40 -9.22
N TYR D 171 -27.43 22.16 -9.17
CA TYR D 171 -26.03 21.90 -8.85
C TYR D 171 -25.26 21.80 -10.16
N THR D 172 -24.11 22.46 -10.21
CA THR D 172 -23.26 22.45 -11.39
C THR D 172 -21.86 21.97 -11.02
N CYS D 173 -21.39 20.97 -11.75
CA CYS D 173 -20.01 20.53 -11.62
C CYS D 173 -19.17 21.24 -12.67
N GLN D 174 -18.02 21.78 -12.26
CA GLN D 174 -17.12 22.45 -13.18
C GLN D 174 -15.78 21.73 -13.21
N VAL D 175 -15.30 21.43 -14.42
CA VAL D 175 -14.00 20.81 -14.60
C VAL D 175 -13.07 21.82 -15.25
N GLU D 176 -11.93 22.07 -14.62
CA GLU D 176 -10.83 22.84 -15.19
C GLU D 176 -9.77 21.85 -15.68
N HIS D 177 -9.27 22.04 -16.90
CA HIS D 177 -8.27 21.12 -17.43
C HIS D 177 -7.47 21.80 -18.51
N PRO D 178 -6.22 21.38 -18.73
CA PRO D 178 -5.37 22.00 -19.77
C PRO D 178 -5.81 21.72 -21.21
N SER D 179 -6.82 20.88 -21.44
CA SER D 179 -7.25 20.55 -22.79
C SER D 179 -8.56 21.23 -23.18
N VAL D 180 -9.17 21.98 -22.27
CA VAL D 180 -10.34 22.80 -22.57
C VAL D 180 -9.97 24.26 -22.27
N THR D 181 -10.15 25.13 -23.27
CA THR D 181 -9.74 26.53 -23.10
C THR D 181 -10.72 27.33 -22.24
N SER D 182 -11.93 26.83 -22.03
CA SER D 182 -12.81 27.35 -20.98
C SER D 182 -13.41 26.15 -20.26
N PRO D 183 -13.38 26.14 -18.92
CA PRO D 183 -13.73 24.91 -18.18
C PRO D 183 -15.13 24.41 -18.48
N LEU D 184 -15.31 23.11 -18.25
CA LEU D 184 -16.57 22.42 -18.54
C LEU D 184 -17.52 22.52 -17.36
N THR D 185 -18.78 22.83 -17.66
CA THR D 185 -19.84 22.80 -16.67
C THR D 185 -20.85 21.72 -17.05
N VAL D 186 -21.42 21.07 -16.03
CA VAL D 186 -22.56 20.18 -16.21
C VAL D 186 -23.56 20.47 -15.09
N GLU D 187 -24.83 20.57 -15.45
CA GLU D 187 -25.87 20.97 -14.51
C GLU D 187 -26.79 19.81 -14.18
N TRP D 188 -27.37 19.89 -12.99
CA TRP D 188 -28.30 18.89 -12.47
C TRP D 188 -29.37 19.62 -11.70
N ARG D 189 -30.63 19.42 -12.07
CA ARG D 189 -31.76 20.04 -11.37
C ARG D 189 -32.51 19.00 -10.53
N ALA D 190 -33.12 19.49 -9.46
CA ALA D 190 -33.78 18.63 -8.48
C ALA D 190 -35.06 17.97 -9.03
N VAL E 2 1.19 -6.14 37.95
CA VAL E 2 1.90 -6.77 39.06
C VAL E 2 3.33 -7.16 38.65
N LEU E 3 3.57 -7.26 37.34
CA LEU E 3 4.86 -7.67 36.80
C LEU E 3 5.45 -6.58 35.90
N GLY E 4 6.78 -6.51 35.88
CA GLY E 4 7.49 -5.43 35.22
C GLY E 4 8.05 -5.82 33.87
N LEU E 5 7.91 -4.92 32.90
CA LEU E 5 8.46 -5.12 31.56
C LEU E 5 9.83 -4.47 31.44
N VAL E 6 10.66 -5.07 30.59
CA VAL E 6 12.06 -4.65 30.43
C VAL E 6 12.19 -3.93 29.10
N LEU E 7 12.60 -2.66 29.16
CA LEU E 7 12.99 -2.00 27.92
C LEU E 7 14.45 -2.36 27.60
N LEU E 8 14.85 -2.04 26.37
CA LEU E 8 16.20 -2.30 25.88
C LEU E 8 16.84 -0.95 25.58
N ARG E 9 17.86 -0.58 26.36
CA ARG E 9 18.38 0.78 26.29
C ARG E 9 18.91 1.14 24.91
N GLY E 10 19.20 0.17 24.07
CA GLY E 10 19.71 0.45 22.73
C GLY E 10 21.15 0.93 22.76
N GLU E 11 21.67 1.20 21.57
CA GLU E 11 23.06 1.56 21.38
C GLU E 11 23.18 3.04 21.01
N ASN E 12 24.39 3.57 21.16
CA ASN E 12 24.74 4.91 20.70
C ASN E 12 25.45 4.79 19.35
N LEU E 13 25.03 5.61 18.39
CA LEU E 13 25.72 5.63 17.11
C LEU E 13 27.12 6.22 17.26
N VAL E 14 27.99 5.89 16.31
CA VAL E 14 29.33 6.46 16.28
C VAL E 14 29.27 7.89 15.78
N SER E 15 30.12 8.75 16.32
CA SER E 15 30.10 10.17 15.94
C SER E 15 31.50 10.73 15.73
N VAL F 2 10.06 10.07 -37.70
CA VAL F 2 10.27 9.04 -36.68
C VAL F 2 11.70 9.07 -36.20
N LEU F 3 11.90 8.96 -34.89
CA LEU F 3 13.22 9.03 -34.28
C LEU F 3 13.45 7.80 -33.43
N GLY F 4 14.71 7.62 -32.99
CA GLY F 4 15.07 6.47 -32.17
C GLY F 4 14.91 6.73 -30.69
N LEU F 5 15.01 5.64 -29.90
CA LEU F 5 14.82 5.67 -28.44
C LEU F 5 16.05 5.02 -27.79
N VAL F 6 17.11 5.81 -27.65
CA VAL F 6 18.37 5.29 -27.09
C VAL F 6 18.08 4.51 -25.82
N LEU F 7 18.74 3.36 -25.68
CA LEU F 7 18.55 2.46 -24.54
C LEU F 7 19.83 2.44 -23.71
N LEU F 8 19.75 2.91 -22.46
CA LEU F 8 20.91 2.82 -21.59
C LEU F 8 21.26 1.35 -21.39
N ARG F 9 22.45 0.96 -21.83
CA ARG F 9 22.78 -0.46 -21.84
C ARG F 9 23.21 -0.91 -20.46
N GLY F 10 23.11 -2.22 -20.24
CA GLY F 10 23.49 -2.79 -18.95
C GLY F 10 24.91 -2.49 -18.53
N GLU F 11 25.34 -3.12 -17.45
CA GLU F 11 26.70 -2.95 -16.93
C GLU F 11 27.01 -4.23 -16.16
N ASN F 12 27.73 -5.15 -16.79
CA ASN F 12 28.01 -6.45 -16.18
C ASN F 12 28.53 -6.27 -14.76
N LEU F 13 28.05 -7.12 -13.85
CA LEU F 13 28.36 -6.99 -12.44
C LEU F 13 29.74 -7.56 -12.16
N VAL F 14 30.12 -7.57 -10.89
CA VAL F 14 31.44 -8.05 -10.50
C VAL F 14 31.33 -9.52 -10.12
N SER F 15 32.13 -10.37 -10.76
CA SER F 15 32.18 -11.79 -10.42
C SER F 15 33.48 -12.14 -9.70
C1 NAG G . -2.02 20.01 10.93
C2 NAG G . -1.10 20.34 9.75
C3 NAG G . -0.23 21.56 10.07
C4 NAG G . -1.02 22.68 10.72
C5 NAG G . -2.53 22.45 10.73
C6 NAG G . -3.18 22.63 9.38
C7 NAG G . -0.42 18.37 8.41
C8 NAG G . -1.57 18.64 7.49
N2 NAG G . -0.25 19.19 9.44
O3 NAG G . 0.36 22.01 8.87
O4 NAG G . -0.58 22.86 12.07
O5 NAG G . -2.89 21.14 11.20
O6 NAG G . -3.62 23.98 9.19
O7 NAG G . 0.35 17.42 8.21
H1 NAG G . -1.48 19.82 11.71
H2 NAG G . -1.65 20.55 8.97
H3 NAG G . 0.48 21.27 10.69
H4 NAG G . -0.84 23.51 10.23
H5 NAG G . -2.92 23.10 11.34
H61 NAG G . -3.95 22.03 9.31
H62 NAG G . -2.54 22.41 8.68
H81 NAG G . -1.59 17.99 6.77
H82 NAG G . -1.47 19.54 7.11
H83 NAG G . -2.40 18.61 8.00
HN2 NAG G . 0.44 19.03 10.01
HO3 NAG G . -0.18 21.85 8.18
HO4 NAG G . -0.67 22.10 12.51
HO6 NAG G . -3.38 24.46 9.89
C1 NAG H . -1.36 -20.31 -10.89
C2 NAG H . -0.13 -20.65 -11.77
C3 NAG H . 1.11 -19.87 -11.35
C4 NAG H . 0.75 -18.80 -10.32
C5 NAG H . 0.08 -19.43 -9.11
C6 NAG H . -0.53 -18.42 -8.17
C7 NAG H . 0.63 -22.92 -10.91
C8 NAG H . 0.95 -22.35 -9.55
N2 NAG H . 0.13 -22.09 -11.85
O3 NAG H . 1.65 -19.23 -12.51
O4 NAG H . 1.93 -18.13 -9.88
O5 NAG H . -0.98 -20.32 -9.50
O6 NAG H . 0.46 -17.81 -7.36
O7 NAG H . 0.80 -24.11 -11.13
H1 NAG H . -2.06 -20.98 -11.03
H2 NAG H . -0.35 -20.36 -12.67
H3 NAG H . 1.77 -20.47 -10.98
H4 NAG H . 0.15 -18.15 -10.72
H5 NAG H . 0.76 -19.95 -8.60
H61 NAG H . -1.19 -18.86 -7.60
H62 NAG H . -0.98 -17.73 -8.70
H81 NAG H . 1.63 -21.65 -9.64
H82 NAG H . 1.30 -23.05 -8.97
H83 NAG H . 0.14 -21.97 -9.16
HN2 NAG H . -0.05 -22.48 -12.65
HO3 NAG H . 1.32 -18.41 -12.57
HO4 NAG H . 2.28 -18.58 -9.19
HO6 NAG H . 1.18 -17.64 -7.84
#